data_7BQJ
#
_entry.id   7BQJ
#
_cell.length_a   87.163
_cell.length_b   87.163
_cell.length_c   294.404
_cell.angle_alpha   90.000
_cell.angle_beta   90.000
_cell.angle_gamma   90.000
#
_symmetry.space_group_name_H-M   'P 41 21 2'
#
loop_
_entity.id
_entity.type
_entity.pdbx_description
1 polymer 'Methyltransf_2 domain-containing protein'
2 non-polymer 1,2-ETHANEDIOL
3 non-polymer GLYCEROL
4 non-polymer 'SODIUM ION'
5 water water
#
_entity_poly.entity_id   1
_entity_poly.type   'polypeptide(L)'
_entity_poly.pdbx_seq_one_letter_code
;MVTLAELASDIQSQVKVIDTYLTEHNLPQPTFAPDSPRELPLDANVQRARLLLIEKAMALSNLAIGAADNLRWHCMNNKF
DDMTLHFLARYNIFDAVPRDEPISYAELSKKVGLAEHRLRRIMSMAYTQHYFCTPKPGFVAHTSNSAMAIGDPLALAWIL
HNIEEVQPWYSNKLVDATMKWGDSIDPKHTGPNLNAKPGEEKLFYEIMEEDDQGEWNGVKGKGFRLWRLYDTDKFFGTGG
AIKGTNLLRAFDWGGLGKATVVDIGGITGHLASTVALANPDLTFIVQERNQPWYEKQFYEQLPAELNGRVSYMPHDKYAE
QPVKGADVYFMSTVLHKEPDDKAITILRRCVEAMDPNKSRLLTRDIVMDGGDPPAEDAVINGRAINSKEGSYEAGLGPTG
VITRLNIGIDFQVLAVVNGFERTREEWVTLFKKADPRFALKGCIQTVGNCAALMEWILEE
;
_entity_poly.pdbx_strand_id   A,B
#
# COMPACT_ATOMS: atom_id res chain seq x y z
N VAL A 2 -10.56 -3.56 -21.72
CA VAL A 2 -10.23 -4.92 -21.33
C VAL A 2 -11.29 -5.38 -20.34
N THR A 3 -11.61 -6.68 -20.36
CA THR A 3 -12.67 -7.26 -19.54
C THR A 3 -12.09 -8.34 -18.64
N LEU A 4 -12.90 -8.76 -17.66
CA LEU A 4 -12.49 -9.81 -16.75
C LEU A 4 -12.13 -11.07 -17.50
N ALA A 5 -12.93 -11.43 -18.51
CA ALA A 5 -12.68 -12.66 -19.27
C ALA A 5 -11.39 -12.56 -20.07
N GLU A 6 -11.10 -11.39 -20.63
CA GLU A 6 -9.88 -11.27 -21.43
C GLU A 6 -8.63 -11.38 -20.55
N LEU A 7 -8.68 -10.80 -19.37
CA LEU A 7 -7.59 -10.90 -18.44
C LEU A 7 -7.37 -12.31 -18.01
N ALA A 8 -8.44 -13.03 -17.75
CA ALA A 8 -8.34 -14.38 -17.31
C ALA A 8 -7.69 -15.27 -18.37
N SER A 9 -8.03 -15.05 -19.60
CA SER A 9 -7.48 -15.79 -20.70
C SER A 9 -6.00 -15.51 -20.87
N ASP A 10 -5.60 -14.27 -20.74
CA ASP A 10 -4.22 -13.85 -20.79
C ASP A 10 -3.44 -14.54 -19.69
N ILE A 11 -4.01 -14.58 -18.51
CA ILE A 11 -3.43 -15.23 -17.39
C ILE A 11 -3.18 -16.69 -17.68
N GLN A 12 -4.15 -17.37 -18.27
CA GLN A 12 -4.00 -18.76 -18.60
C GLN A 12 -2.79 -19.03 -19.49
N SER A 13 -2.62 -18.23 -20.50
CA SER A 13 -1.52 -18.37 -21.41
C SER A 13 -0.19 -18.18 -20.74
N GLN A 14 -0.10 -17.19 -19.88
CA GLN A 14 1.19 -16.96 -19.23
C GLN A 14 1.53 -18.06 -18.25
N VAL A 15 0.54 -18.49 -17.45
CA VAL A 15 0.79 -19.60 -16.53
C VAL A 15 1.23 -20.83 -17.29
N LYS A 16 0.62 -21.07 -18.47
CA LYS A 16 0.99 -22.24 -19.26
C LYS A 16 2.46 -22.23 -19.65
N VAL A 17 3.02 -21.06 -19.99
CA VAL A 17 4.44 -21.01 -20.34
C VAL A 17 5.30 -21.39 -19.14
N ILE A 18 5.00 -20.85 -17.97
CA ILE A 18 5.80 -21.12 -16.78
C ILE A 18 5.64 -22.57 -16.35
N ASP A 19 4.37 -23.03 -16.27
CA ASP A 19 4.08 -24.37 -15.78
C ASP A 19 4.75 -25.43 -16.65
N THR A 20 4.81 -25.18 -17.93
CA THR A 20 5.43 -26.07 -18.87
C THR A 20 6.93 -26.16 -18.66
N TYR A 21 7.57 -25.02 -18.50
CA TYR A 21 8.98 -24.97 -18.23
C TYR A 21 9.32 -25.72 -16.98
N LEU A 22 8.59 -25.48 -15.92
CA LEU A 22 8.81 -26.10 -14.66
C LEU A 22 8.74 -27.61 -14.76
N THR A 23 7.70 -28.06 -15.40
CA THR A 23 7.52 -29.49 -15.49
C THR A 23 8.54 -30.12 -16.42
N GLU A 24 8.89 -29.45 -17.49
CA GLU A 24 9.88 -29.89 -18.44
C GLU A 24 11.26 -30.03 -17.85
N HIS A 25 11.59 -29.13 -16.95
CA HIS A 25 12.84 -29.18 -16.32
C HIS A 25 12.83 -29.81 -14.98
N ASN A 26 11.74 -30.45 -14.62
CA ASN A 26 11.59 -31.06 -13.34
C ASN A 26 11.96 -30.13 -12.17
N LEU A 27 11.41 -28.94 -12.15
CA LEU A 27 11.69 -27.95 -11.10
C LEU A 27 10.50 -27.81 -10.15
N PRO A 28 10.74 -27.60 -8.86
CA PRO A 28 9.62 -27.48 -7.92
C PRO A 28 8.76 -26.25 -8.21
N GLN A 29 7.46 -26.39 -7.95
CA GLN A 29 6.51 -25.31 -8.18
C GLN A 29 6.59 -24.28 -7.07
N PRO A 30 6.49 -22.99 -7.39
CA PRO A 30 6.28 -21.99 -6.34
C PRO A 30 4.97 -22.25 -5.61
N THR A 31 5.03 -22.13 -4.28
CA THR A 31 3.85 -22.20 -3.42
C THR A 31 3.99 -21.14 -2.34
N PHE A 32 3.08 -21.14 -1.37
CA PHE A 32 3.24 -20.26 -0.22
C PHE A 32 3.91 -20.95 0.95
N ALA A 33 4.34 -22.19 0.78
CA ALA A 33 5.02 -22.89 1.86
C ALA A 33 6.44 -22.34 2.06
N PRO A 34 6.96 -22.39 3.28
CA PRO A 34 8.33 -21.91 3.51
C PRO A 34 9.39 -22.63 2.70
N ASP A 35 9.17 -23.87 2.28
CA ASP A 35 10.18 -24.57 1.49
C ASP A 35 10.08 -24.26 0.00
N SER A 36 9.19 -23.35 -0.40
CA SER A 36 9.01 -23.05 -1.81
C SER A 36 10.27 -22.40 -2.41
N PRO A 37 10.53 -22.59 -3.71
CA PRO A 37 11.52 -21.74 -4.37
C PRO A 37 11.13 -20.28 -4.21
N ARG A 38 12.14 -19.45 -3.99
CA ARG A 38 11.94 -18.03 -3.80
C ARG A 38 11.77 -17.21 -5.06
N GLU A 39 12.08 -17.80 -6.20
CA GLU A 39 11.95 -17.13 -7.48
C GLU A 39 11.75 -18.20 -8.54
N LEU A 40 11.36 -17.74 -9.69
CA LEU A 40 11.21 -18.58 -10.84
C LEU A 40 12.55 -18.59 -11.62
N PRO A 41 12.70 -19.50 -12.56
CA PRO A 41 13.93 -19.58 -13.35
C PRO A 41 14.24 -18.31 -14.10
N LEU A 42 15.53 -18.06 -14.29
CA LEU A 42 15.95 -16.87 -14.98
C LEU A 42 15.78 -16.88 -16.51
N ASP A 43 15.38 -18.01 -17.10
CA ASP A 43 15.09 -18.15 -18.52
C ASP A 43 14.24 -17.00 -18.98
N ALA A 44 14.68 -16.33 -20.03
CA ALA A 44 14.06 -15.06 -20.41
C ALA A 44 12.59 -15.22 -20.77
N ASN A 45 12.20 -16.33 -21.40
CA ASN A 45 10.80 -16.54 -21.72
C ASN A 45 9.97 -16.77 -20.46
N VAL A 46 10.53 -17.47 -19.47
CA VAL A 46 9.82 -17.66 -18.21
C VAL A 46 9.63 -16.32 -17.51
N GLN A 47 10.68 -15.48 -17.50
CA GLN A 47 10.58 -14.20 -16.80
C GLN A 47 9.63 -13.24 -17.52
N ARG A 48 9.61 -13.25 -18.84
CA ARG A 48 8.64 -12.43 -19.56
C ARG A 48 7.22 -12.85 -19.22
N ALA A 49 6.96 -14.16 -19.15
CA ALA A 49 5.63 -14.63 -18.80
C ALA A 49 5.28 -14.26 -17.35
N ARG A 50 6.27 -14.34 -16.45
CA ARG A 50 6.02 -13.97 -15.06
C ARG A 50 5.63 -12.51 -14.94
N LEU A 51 6.38 -11.63 -15.62
CA LEU A 51 6.10 -10.21 -15.51
C LEU A 51 4.73 -9.87 -16.10
N LEU A 52 4.39 -10.44 -17.26
CA LEU A 52 3.05 -10.23 -17.81
C LEU A 52 2.00 -10.82 -16.90
N LEU A 53 2.26 -11.99 -16.31
CA LEU A 53 1.30 -12.63 -15.42
C LEU A 53 0.98 -11.73 -14.22
N ILE A 54 1.98 -11.12 -13.64
CA ILE A 54 1.77 -10.26 -12.52
C ILE A 54 0.91 -9.09 -12.87
N GLU A 55 1.25 -8.43 -13.97
CA GLU A 55 0.51 -7.26 -14.43
C GLU A 55 -0.95 -7.60 -14.69
N LYS A 56 -1.20 -8.73 -15.34
CA LYS A 56 -2.56 -9.14 -15.63
C LYS A 56 -3.33 -9.48 -14.35
N ALA A 57 -2.71 -10.19 -13.45
CA ALA A 57 -3.32 -10.54 -12.20
C ALA A 57 -3.68 -9.28 -11.39
N MET A 58 -2.78 -8.33 -11.35
CA MET A 58 -3.07 -7.08 -10.65
C MET A 58 -4.20 -6.33 -11.33
N ALA A 59 -4.23 -6.32 -12.66
CA ALA A 59 -5.36 -5.70 -13.35
C ALA A 59 -6.65 -6.43 -13.03
N LEU A 60 -6.60 -7.76 -12.93
CA LEU A 60 -7.81 -8.52 -12.69
C LEU A 60 -8.37 -8.26 -11.29
N SER A 61 -7.50 -8.26 -10.27
CA SER A 61 -8.00 -7.92 -8.93
C SER A 61 -8.56 -6.51 -8.91
N ASN A 62 -7.87 -5.56 -9.55
CA ASN A 62 -8.33 -4.18 -9.61
C ASN A 62 -9.70 -4.09 -10.28
N LEU A 63 -9.86 -4.74 -11.44
CA LEU A 63 -11.12 -4.69 -12.17
C LEU A 63 -12.26 -5.32 -11.38
N ALA A 64 -11.99 -6.44 -10.70
CA ALA A 64 -13.04 -7.10 -9.93
C ALA A 64 -13.41 -6.31 -8.68
N ILE A 65 -12.46 -5.64 -8.06
CA ILE A 65 -12.82 -4.75 -6.95
C ILE A 65 -13.76 -3.67 -7.47
N GLY A 66 -13.43 -3.08 -8.63
CA GLY A 66 -14.30 -2.13 -9.28
C GLY A 66 -14.04 -0.71 -8.81
N ALA A 67 -14.58 0.25 -9.58
CA ALA A 67 -14.29 1.66 -9.32
C ALA A 67 -14.89 2.16 -8.01
N ALA A 68 -16.05 1.64 -7.60
CA ALA A 68 -16.64 2.17 -6.37
C ALA A 68 -15.79 1.79 -5.16
N ASP A 69 -15.27 0.59 -5.13
CA ASP A 69 -14.50 0.14 -4.00
C ASP A 69 -12.99 0.39 -4.00
N ASN A 70 -12.39 0.58 -5.15
CA ASN A 70 -10.96 0.72 -5.25
C ASN A 70 -10.38 1.81 -4.38
N LEU A 71 -10.79 3.04 -4.59
CA LEU A 71 -10.27 4.14 -3.79
C LEU A 71 -10.69 3.97 -2.32
N ARG A 72 -11.91 3.56 -2.10
CA ARG A 72 -12.39 3.36 -0.76
C ARG A 72 -11.53 2.34 -0.02
N TRP A 73 -11.31 1.18 -0.59
CA TRP A 73 -10.52 0.15 0.09
C TRP A 73 -9.05 0.48 0.19
N HIS A 74 -8.46 1.05 -0.86
CA HIS A 74 -7.05 1.38 -0.89
C HIS A 74 -6.68 2.28 0.31
N CYS A 75 -7.31 3.42 0.46
CA CYS A 75 -6.96 4.34 1.53
C CYS A 75 -7.30 3.74 2.89
N MET A 76 -8.12 2.73 2.93
CA MET A 76 -8.34 2.06 4.17
C MET A 76 -7.19 1.07 4.52
N ASN A 77 -6.89 0.19 3.60
CA ASN A 77 -6.00 -0.91 3.83
C ASN A 77 -4.51 -0.81 3.57
N ASN A 78 -4.12 -0.21 2.45
CA ASN A 78 -2.74 -0.07 2.03
C ASN A 78 -1.79 0.32 3.14
N LYS A 79 -2.12 1.37 3.86
CA LYS A 79 -1.30 1.83 4.98
C LYS A 79 -1.07 0.77 6.07
N PHE A 80 -2.04 -0.08 6.32
CA PHE A 80 -1.95 -1.10 7.32
C PHE A 80 -1.06 -2.30 6.91
N ASP A 81 -0.90 -2.54 5.63
CA ASP A 81 0.03 -3.57 5.21
C ASP A 81 1.45 -3.12 5.66
N ASP A 82 1.75 -1.84 5.50
CA ASP A 82 3.02 -1.30 5.95
C ASP A 82 3.12 -1.36 7.51
N MET A 83 2.06 -0.99 8.19
CA MET A 83 2.04 -1.03 9.61
C MET A 83 2.26 -2.44 10.15
N THR A 84 1.63 -3.41 9.52
CA THR A 84 1.78 -4.78 9.90
C THR A 84 3.27 -5.17 9.82
N LEU A 85 3.93 -4.90 8.70
CA LEU A 85 5.36 -5.03 8.59
C LEU A 85 6.11 -4.31 9.76
N HIS A 86 5.78 -3.18 10.08
CA HIS A 86 6.40 -2.43 11.14
C HIS A 86 6.39 -3.24 12.43
N PHE A 87 5.25 -3.78 12.79
CA PHE A 87 5.11 -4.59 13.97
C PHE A 87 6.00 -5.85 13.87
N LEU A 88 5.92 -6.51 12.74
CA LEU A 88 6.67 -7.71 12.48
C LEU A 88 8.18 -7.50 12.68
N ALA A 89 8.70 -6.41 12.18
CA ALA A 89 10.07 -6.09 12.33
C ALA A 89 10.42 -5.66 13.75
N ARG A 90 9.64 -4.76 14.30
CA ARG A 90 10.04 -4.17 15.58
C ARG A 90 9.90 -5.17 16.72
N TYR A 91 9.00 -6.14 16.58
CA TYR A 91 8.86 -7.18 17.59
C TYR A 91 9.62 -8.45 17.23
N ASN A 92 10.37 -8.45 16.13
CA ASN A 92 11.23 -9.57 15.75
C ASN A 92 10.42 -10.84 15.55
N ILE A 93 9.24 -10.70 14.95
CA ILE A 93 8.32 -11.81 14.87
C ILE A 93 8.76 -12.82 13.81
N PHE A 94 9.46 -12.38 12.75
CA PHE A 94 9.98 -13.32 11.77
C PHE A 94 10.87 -14.37 12.46
N ASP A 95 11.78 -13.94 13.33
CA ASP A 95 12.67 -14.90 13.99
C ASP A 95 11.95 -15.71 15.05
N ALA A 96 10.92 -15.17 15.66
CA ALA A 96 10.28 -15.87 16.78
C ALA A 96 9.37 -17.02 16.32
N VAL A 97 8.85 -16.97 15.10
CA VAL A 97 8.06 -18.09 14.58
C VAL A 97 9.04 -19.06 13.93
N PRO A 98 9.08 -20.33 14.39
CA PRO A 98 10.00 -21.29 13.77
C PRO A 98 9.68 -21.46 12.29
N ARG A 99 10.70 -21.63 11.51
N ARG A 99 10.72 -21.64 11.50
CA ARG A 99 10.55 -21.78 10.08
CA ARG A 99 10.59 -21.76 10.05
C ARG A 99 9.70 -22.96 9.62
C ARG A 99 9.85 -23.00 9.52
N ASP A 100 9.77 -24.05 10.32
CA ASP A 100 9.10 -25.28 9.87
C ASP A 100 8.15 -25.90 10.87
N GLU A 101 7.81 -25.20 11.93
CA GLU A 101 6.82 -25.67 12.88
C GLU A 101 5.87 -24.52 13.23
N PRO A 102 4.68 -24.83 13.66
CA PRO A 102 3.74 -23.81 14.09
C PRO A 102 3.97 -23.44 15.55
N ILE A 103 3.51 -22.27 15.92
CA ILE A 103 3.63 -21.78 17.27
C ILE A 103 2.32 -21.14 17.68
N SER A 104 1.91 -21.36 18.92
CA SER A 104 0.69 -20.83 19.41
C SER A 104 0.80 -19.33 19.62
N TYR A 105 -0.32 -18.64 19.51
CA TYR A 105 -0.31 -17.22 19.75
C TYR A 105 0.20 -16.93 21.19
N ALA A 106 -0.19 -17.75 22.15
CA ALA A 106 0.24 -17.56 23.53
C ALA A 106 1.77 -17.64 23.66
N GLU A 107 2.35 -18.62 23.06
CA GLU A 107 3.76 -18.69 23.22
C GLU A 107 4.49 -17.67 22.37
N LEU A 108 3.97 -17.32 21.21
CA LEU A 108 4.54 -16.25 20.42
C LEU A 108 4.51 -14.94 21.19
N SER A 109 3.39 -14.66 21.84
CA SER A 109 3.22 -13.48 22.64
C SER A 109 4.31 -13.37 23.72
N LYS A 110 4.50 -14.45 24.43
CA LYS A 110 5.50 -14.55 25.47
C LYS A 110 6.91 -14.28 24.94
N LYS A 111 7.22 -14.81 23.80
CA LYS A 111 8.51 -14.66 23.21
C LYS A 111 8.85 -13.24 22.80
N VAL A 112 7.93 -12.55 22.18
CA VAL A 112 8.20 -11.23 21.68
C VAL A 112 7.71 -10.07 22.54
N GLY A 113 6.89 -10.33 23.56
CA GLY A 113 6.42 -9.27 24.42
C GLY A 113 5.32 -8.39 23.85
N LEU A 114 4.46 -8.95 22.99
CA LEU A 114 3.29 -8.27 22.47
C LEU A 114 2.08 -9.04 22.99
N ALA A 115 1.16 -8.34 23.65
CA ALA A 115 0.00 -9.00 24.26
C ALA A 115 -0.75 -9.82 23.23
N GLU A 116 -1.29 -10.95 23.67
CA GLU A 116 -1.84 -11.91 22.72
C GLU A 116 -2.99 -11.32 21.91
N HIS A 117 -3.83 -10.50 22.49
CA HIS A 117 -4.94 -9.91 21.74
C HIS A 117 -4.48 -9.06 20.57
N ARG A 118 -3.53 -8.19 20.82
CA ARG A 118 -3.01 -7.35 19.79
C ARG A 118 -2.17 -8.12 18.76
N LEU A 119 -1.44 -9.12 19.21
CA LEU A 119 -0.63 -9.95 18.37
C LEU A 119 -1.52 -10.62 17.34
N ARG A 120 -2.64 -11.16 17.77
CA ARG A 120 -3.60 -11.82 16.91
C ARG A 120 -4.10 -10.88 15.81
N ARG A 121 -4.38 -9.65 16.17
CA ARG A 121 -4.84 -8.65 15.25
C ARG A 121 -3.78 -8.38 14.18
N ILE A 122 -2.55 -8.16 14.63
CA ILE A 122 -1.45 -7.88 13.71
C ILE A 122 -1.25 -9.05 12.76
N MET A 123 -1.15 -10.27 13.28
CA MET A 123 -0.95 -11.41 12.44
C MET A 123 -2.06 -11.58 11.39
N SER A 124 -3.29 -11.29 11.77
CA SER A 124 -4.41 -11.45 10.87
C SER A 124 -4.27 -10.61 9.61
N MET A 125 -3.78 -9.39 9.73
CA MET A 125 -3.54 -8.55 8.59
C MET A 125 -2.39 -9.13 7.76
N ALA A 126 -1.33 -9.60 8.41
CA ALA A 126 -0.22 -10.22 7.68
C ALA A 126 -0.71 -11.38 6.81
N TYR A 127 -1.62 -12.21 7.34
CA TYR A 127 -2.07 -13.37 6.56
C TYR A 127 -2.69 -12.94 5.22
N THR A 128 -3.42 -11.82 5.18
CA THR A 128 -4.12 -11.51 3.93
C THR A 128 -3.17 -11.10 2.82
N GLN A 129 -1.92 -10.77 3.12
CA GLN A 129 -0.90 -10.54 2.10
C GLN A 129 0.09 -11.71 2.01
N HIS A 130 -0.29 -12.87 2.55
CA HIS A 130 0.50 -14.08 2.46
C HIS A 130 1.85 -13.96 3.16
N TYR A 131 1.89 -13.15 4.23
CA TYR A 131 2.97 -13.17 5.21
C TYR A 131 2.46 -13.94 6.41
N PHE A 132 3.03 -15.12 6.66
CA PHE A 132 2.54 -16.05 7.67
C PHE A 132 1.17 -16.60 7.31
N CYS A 133 0.74 -17.63 8.04
CA CYS A 133 -0.58 -18.23 7.87
C CYS A 133 -0.97 -18.83 9.22
N THR A 134 -2.23 -19.24 9.34
CA THR A 134 -2.67 -19.91 10.56
C THR A 134 -3.13 -21.31 10.16
N PRO A 135 -2.32 -22.32 10.41
CA PRO A 135 -2.68 -23.68 9.96
C PRO A 135 -3.76 -24.34 10.78
N LYS A 136 -3.94 -23.92 12.04
CA LYS A 136 -5.00 -24.42 12.91
C LYS A 136 -5.36 -23.32 13.89
N PRO A 137 -6.57 -23.36 14.46
CA PRO A 137 -6.99 -22.29 15.38
C PRO A 137 -5.96 -22.10 16.48
N GLY A 138 -5.56 -20.84 16.68
CA GLY A 138 -4.64 -20.48 17.74
C GLY A 138 -3.17 -20.64 17.42
N PHE A 139 -2.82 -20.94 16.17
CA PHE A 139 -1.43 -21.21 15.82
C PHE A 139 -1.02 -20.38 14.61
N VAL A 140 0.26 -20.04 14.58
CA VAL A 140 0.89 -19.25 13.53
C VAL A 140 1.97 -20.11 12.88
N ALA A 141 2.12 -19.98 11.56
CA ALA A 141 3.24 -20.60 10.87
C ALA A 141 3.74 -19.64 9.79
N HIS A 142 4.96 -19.86 9.31
CA HIS A 142 5.56 -19.06 8.27
C HIS A 142 4.95 -19.38 6.90
N THR A 143 5.07 -18.43 5.98
CA THR A 143 4.94 -18.67 4.54
C THR A 143 6.29 -18.41 3.88
N SER A 144 6.35 -18.69 2.57
CA SER A 144 7.54 -18.36 1.80
C SER A 144 7.89 -16.87 1.93
N ASN A 145 6.90 -15.99 1.83
CA ASN A 145 7.17 -14.56 1.85
C ASN A 145 7.73 -14.11 3.20
N SER A 146 7.25 -14.70 4.29
CA SER A 146 7.77 -14.31 5.60
C SER A 146 9.04 -15.06 5.94
N ALA A 147 9.20 -16.29 5.44
CA ALA A 147 10.37 -17.09 5.82
C ALA A 147 11.66 -16.51 5.26
N MET A 148 11.59 -15.80 4.14
CA MET A 148 12.81 -15.22 3.60
C MET A 148 13.42 -14.16 4.52
N ALA A 149 12.64 -13.61 5.46
CA ALA A 149 13.19 -12.62 6.38
C ALA A 149 13.81 -13.22 7.63
N ILE A 150 13.67 -14.53 7.84
CA ILE A 150 14.19 -15.17 9.04
C ILE A 150 15.71 -14.99 9.11
N GLY A 151 16.19 -14.52 10.26
CA GLY A 151 17.63 -14.40 10.45
C GLY A 151 18.30 -13.41 9.52
N ASP A 152 17.55 -12.52 8.87
CA ASP A 152 18.12 -11.59 7.91
C ASP A 152 17.94 -10.15 8.37
N PRO A 153 18.94 -9.53 9.01
CA PRO A 153 18.81 -8.11 9.37
C PRO A 153 18.70 -7.19 8.18
N LEU A 154 19.15 -7.58 7.01
CA LEU A 154 19.03 -6.77 5.84
C LEU A 154 17.55 -6.52 5.47
N ALA A 155 16.73 -7.53 5.68
CA ALA A 155 15.31 -7.44 5.42
C ALA A 155 14.64 -6.49 6.40
N LEU A 156 15.00 -6.59 7.67
CA LEU A 156 14.45 -5.70 8.66
C LEU A 156 14.90 -4.27 8.41
N ALA A 157 16.13 -4.10 7.96
CA ALA A 157 16.66 -2.81 7.60
C ALA A 157 15.77 -2.14 6.54
N TRP A 158 15.39 -2.88 5.52
CA TRP A 158 14.53 -2.38 4.45
C TRP A 158 13.16 -1.96 4.99
N ILE A 159 12.58 -2.76 5.85
CA ILE A 159 11.30 -2.46 6.43
C ILE A 159 11.37 -1.16 7.22
N LEU A 160 12.29 -1.10 8.15
CA LEU A 160 12.46 0.03 9.03
C LEU A 160 12.91 1.35 8.39
N HIS A 161 13.83 1.28 7.46
CA HIS A 161 14.30 2.45 6.76
C HIS A 161 13.09 3.11 6.07
N ASN A 162 12.25 2.30 5.43
CA ASN A 162 11.13 2.92 4.74
C ASN A 162 10.08 3.44 5.70
N ILE A 163 9.75 2.68 6.74
CA ILE A 163 8.62 3.05 7.59
C ILE A 163 8.99 4.09 8.64
N GLU A 164 10.23 4.08 9.13
CA GLU A 164 10.62 5.00 10.19
C GLU A 164 11.41 6.21 9.68
N GLU A 165 11.79 6.22 8.40
CA GLU A 165 12.55 7.33 7.86
C GLU A 165 11.94 7.85 6.57
N VAL A 166 11.98 7.07 5.49
CA VAL A 166 11.60 7.64 4.19
C VAL A 166 10.16 8.15 4.22
N GLN A 167 9.27 7.29 4.70
CA GLN A 167 7.87 7.70 4.61
C GLN A 167 7.44 8.79 5.59
N PRO A 168 7.78 8.80 6.86
CA PRO A 168 7.37 9.91 7.73
C PRO A 168 8.15 11.20 7.49
N TRP A 169 9.43 11.09 7.16
CA TRP A 169 10.26 12.29 7.01
C TRP A 169 10.19 12.89 5.61
N TYR A 170 9.93 12.07 4.58
CA TYR A 170 10.11 12.53 3.21
C TYR A 170 8.86 12.35 2.34
N SER A 171 8.40 11.12 2.13
CA SER A 171 7.33 10.94 1.15
C SER A 171 6.00 11.49 1.66
N ASN A 172 5.74 11.45 2.96
CA ASN A 172 4.54 12.05 3.53
C ASN A 172 4.53 13.58 3.33
N LYS A 173 5.70 14.15 3.16
CA LYS A 173 5.89 15.56 3.01
C LYS A 173 6.19 16.09 1.62
N LEU A 174 6.25 15.22 0.65
CA LEU A 174 6.58 15.59 -0.69
C LEU A 174 5.65 16.63 -1.32
N VAL A 175 4.38 16.49 -1.07
CA VAL A 175 3.43 17.44 -1.60
C VAL A 175 3.76 18.84 -1.05
N ASP A 176 3.95 18.94 0.26
CA ASP A 176 4.29 20.19 0.86
C ASP A 176 5.62 20.72 0.34
N ALA A 177 6.59 19.86 0.16
CA ALA A 177 7.87 20.27 -0.35
C ALA A 177 7.74 20.81 -1.76
N THR A 178 6.91 20.19 -2.57
CA THR A 178 6.70 20.61 -3.92
C THR A 178 6.01 21.97 -3.96
N MET A 179 5.02 22.17 -3.11
CA MET A 179 4.31 23.45 -3.12
C MET A 179 5.21 24.57 -2.63
N LYS A 180 6.18 24.25 -1.78
CA LYS A 180 7.07 25.27 -1.22
C LYS A 180 8.19 25.63 -2.18
N TRP A 181 8.86 24.63 -2.76
CA TRP A 181 10.05 24.87 -3.56
C TRP A 181 9.88 24.53 -5.04
N GLY A 182 8.71 24.00 -5.44
CA GLY A 182 8.54 23.66 -6.82
C GLY A 182 9.31 22.40 -7.21
N ASP A 183 9.57 22.30 -8.52
CA ASP A 183 10.19 21.12 -9.09
C ASP A 183 11.73 21.24 -9.01
N SER A 184 12.23 21.15 -7.78
CA SER A 184 13.63 21.42 -7.52
C SER A 184 14.52 20.18 -7.62
N ILE A 185 15.80 20.40 -7.89
CA ILE A 185 16.82 19.36 -7.85
C ILE A 185 17.81 19.59 -6.71
N ASP A 186 17.51 20.51 -5.82
CA ASP A 186 18.33 20.79 -4.64
C ASP A 186 18.00 19.80 -3.54
N PRO A 187 18.97 19.00 -3.04
CA PRO A 187 18.64 18.02 -1.99
C PRO A 187 18.19 18.66 -0.69
N LYS A 188 18.42 19.95 -0.49
CA LYS A 188 17.90 20.60 0.71
C LYS A 188 16.41 20.89 0.63
N HIS A 189 15.81 20.84 -0.56
CA HIS A 189 14.39 21.15 -0.70
C HIS A 189 13.60 19.86 -0.53
N THR A 190 13.66 19.34 0.70
CA THR A 190 13.04 18.07 1.07
C THR A 190 12.33 18.23 2.41
N GLY A 191 11.44 17.29 2.71
CA GLY A 191 10.57 17.32 3.88
C GLY A 191 11.12 17.88 5.19
N PRO A 192 12.27 17.38 5.65
CA PRO A 192 12.79 17.83 6.96
C PRO A 192 13.06 19.33 7.07
N ASN A 193 13.11 20.06 5.95
CA ASN A 193 13.49 21.46 5.96
C ASN A 193 12.34 22.40 5.66
N LEU A 194 11.09 21.91 5.74
CA LEU A 194 9.95 22.75 5.41
C LEU A 194 9.85 23.96 6.34
N ASN A 195 10.30 23.83 7.58
CA ASN A 195 10.26 24.93 8.53
C ASN A 195 11.64 25.31 9.04
N ALA A 196 12.70 24.89 8.36
CA ALA A 196 14.05 25.21 8.79
C ALA A 196 14.40 26.66 8.49
N LYS A 197 15.16 27.28 9.37
CA LYS A 197 15.66 28.62 9.09
C LYS A 197 16.75 28.52 8.02
N PRO A 198 17.01 29.60 7.30
CA PRO A 198 18.05 29.61 6.26
C PRO A 198 19.39 29.22 6.81
N GLY A 199 20.04 28.31 6.12
CA GLY A 199 21.29 27.79 6.57
C GLY A 199 21.23 26.70 7.61
N GLU A 200 20.07 26.35 8.09
CA GLU A 200 19.93 25.31 9.05
C GLU A 200 19.30 24.03 8.43
N GLU A 201 19.23 23.99 7.10
CA GLU A 201 18.72 22.86 6.38
C GLU A 201 19.61 21.65 6.58
N LYS A 202 19.01 20.47 6.58
CA LYS A 202 19.70 19.24 6.75
C LYS A 202 19.52 18.33 5.58
N LEU A 203 20.59 17.76 5.07
CA LEU A 203 20.53 16.80 3.98
C LEU A 203 20.23 15.40 4.50
N PHE A 204 19.61 14.59 3.64
CA PHE A 204 19.35 13.19 3.98
C PHE A 204 20.65 12.48 4.38
N TYR A 205 21.70 12.61 3.58
CA TYR A 205 22.94 11.90 3.92
C TYR A 205 23.66 12.50 5.11
N GLU A 206 23.41 13.76 5.45
CA GLU A 206 23.91 14.29 6.71
C GLU A 206 23.20 13.65 7.90
N ILE A 207 21.88 13.53 7.82
CA ILE A 207 21.15 12.86 8.90
C ILE A 207 21.64 11.43 9.05
N MET A 208 21.82 10.72 7.94
CA MET A 208 22.23 9.32 7.99
C MET A 208 23.57 9.16 8.69
N GLU A 209 24.56 9.98 8.33
CA GLU A 209 25.90 9.73 8.86
C GLU A 209 26.14 10.42 10.19
N GLU A 210 25.32 11.40 10.58
CA GLU A 210 25.58 12.16 11.80
C GLU A 210 24.74 11.72 13.00
N ASP A 211 23.50 11.26 12.81
CA ASP A 211 22.67 10.90 13.96
C ASP A 211 23.38 9.83 14.79
N ASP A 212 23.52 10.07 16.10
CA ASP A 212 24.20 9.11 16.95
C ASP A 212 23.30 8.49 18.02
N GLN A 213 21.99 8.76 17.99
CA GLN A 213 21.09 8.27 19.04
C GLN A 213 20.41 6.97 18.60
N GLY A 214 21.18 5.90 18.59
CA GLY A 214 20.65 4.60 18.24
C GLY A 214 21.76 3.63 17.89
N GLU A 215 21.34 2.47 17.37
CA GLU A 215 22.25 1.38 17.07
C GLU A 215 21.62 0.50 16.00
N TRP A 216 22.44 -0.08 15.14
CA TRP A 216 21.89 -1.00 14.13
C TRP A 216 22.92 -2.05 13.77
N ASN A 217 22.59 -3.32 13.97
CA ASN A 217 23.29 -4.46 13.38
C ASN A 217 24.82 -4.31 13.46
N GLY A 218 25.32 -4.08 14.66
CA GLY A 218 26.74 -3.94 14.84
C GLY A 218 27.33 -2.55 14.89
N VAL A 219 26.57 -1.53 14.56
CA VAL A 219 27.06 -0.17 14.62
C VAL A 219 26.26 0.58 15.65
N LYS A 220 26.94 1.08 16.64
CA LYS A 220 26.31 1.86 17.68
C LYS A 220 26.77 3.27 17.66
N GLY A 221 25.79 4.13 17.85
CA GLY A 221 25.98 5.54 17.83
C GLY A 221 26.03 6.16 16.47
N LYS A 222 26.96 7.07 16.31
CA LYS A 222 27.13 7.85 15.10
C LYS A 222 27.05 7.09 13.79
N GLY A 223 26.10 7.47 12.94
CA GLY A 223 25.98 6.87 11.63
C GLY A 223 25.23 5.56 11.59
N PHE A 224 24.55 5.16 12.67
CA PHE A 224 23.82 3.90 12.67
C PHE A 224 22.76 3.86 11.57
N ARG A 225 22.15 5.01 11.25
CA ARG A 225 21.16 5.05 10.17
C ARG A 225 21.81 4.83 8.82
N LEU A 226 22.98 5.42 8.59
CA LEU A 226 23.68 5.19 7.32
C LEU A 226 24.08 3.73 7.20
N TRP A 227 24.51 3.12 8.31
CA TRP A 227 24.84 1.70 8.28
C TRP A 227 23.62 0.85 7.94
N ARG A 228 22.45 1.21 8.50
CA ARG A 228 21.23 0.52 8.11
C ARG A 228 20.91 0.74 6.64
N LEU A 229 21.14 1.97 6.14
CA LEU A 229 20.95 2.22 4.72
C LEU A 229 21.87 1.35 3.88
N TYR A 230 23.13 1.18 4.31
CA TYR A 230 24.02 0.29 3.57
C TYR A 230 23.51 -1.15 3.62
N ASP A 231 22.89 -1.55 4.72
CA ASP A 231 22.29 -2.89 4.74
C ASP A 231 21.14 -3.01 3.74
N THR A 232 20.32 -1.96 3.53
CA THR A 232 19.26 -1.97 2.52
C THR A 232 19.83 -2.19 1.12
N ASP A 233 20.95 -1.51 0.86
CA ASP A 233 21.63 -1.64 -0.41
C ASP A 233 22.07 -3.09 -0.63
N LYS A 234 22.64 -3.68 0.37
CA LYS A 234 23.03 -5.05 0.35
C LYS A 234 21.81 -5.99 0.16
N PHE A 235 20.70 -5.64 0.78
CA PHE A 235 19.48 -6.44 0.65
C PHE A 235 19.04 -6.57 -0.79
N PHE A 236 19.22 -5.51 -1.60
CA PHE A 236 18.81 -5.61 -2.99
C PHE A 236 19.87 -6.29 -3.87
N GLY A 237 21.06 -6.54 -3.34
CA GLY A 237 22.07 -7.30 -4.05
C GLY A 237 22.06 -8.80 -3.77
N THR A 238 21.46 -9.23 -2.65
CA THR A 238 21.51 -10.64 -2.26
C THR A 238 20.40 -11.50 -2.86
N GLY A 239 19.36 -10.93 -3.41
CA GLY A 239 18.27 -11.68 -3.95
C GLY A 239 17.27 -10.83 -4.70
N GLY A 240 16.50 -11.47 -5.54
CA GLY A 240 15.51 -10.82 -6.31
C GLY A 240 15.96 -10.06 -7.55
N ALA A 241 15.07 -9.22 -8.03
CA ALA A 241 15.22 -8.46 -9.23
C ALA A 241 16.57 -7.84 -9.58
N ILE A 242 17.16 -7.12 -8.66
CA ILE A 242 18.37 -6.40 -8.88
C ILE A 242 19.59 -7.07 -8.28
N LYS A 243 19.52 -8.35 -8.03
CA LYS A 243 20.61 -9.08 -7.41
C LYS A 243 21.98 -8.96 -8.10
N GLY A 244 23.05 -9.02 -7.31
CA GLY A 244 24.37 -8.76 -7.87
C GLY A 244 24.81 -9.76 -8.92
N THR A 245 24.43 -11.03 -8.76
CA THR A 245 24.86 -12.02 -9.75
C THR A 245 24.31 -11.73 -11.14
N ASN A 246 23.24 -10.95 -11.27
CA ASN A 246 22.77 -10.59 -12.60
C ASN A 246 23.79 -9.72 -13.34
N LEU A 247 24.66 -9.00 -12.61
CA LEU A 247 25.74 -8.26 -13.26
C LEU A 247 26.62 -9.18 -14.11
N LEU A 248 26.76 -10.45 -13.71
CA LEU A 248 27.69 -11.35 -14.38
C LEU A 248 27.21 -11.69 -15.78
N ARG A 249 25.90 -11.67 -16.01
CA ARG A 249 25.34 -11.97 -17.33
C ARG A 249 25.20 -10.73 -18.20
N ALA A 250 25.37 -9.54 -17.63
CA ALA A 250 25.13 -8.30 -18.36
C ALA A 250 26.39 -7.68 -18.95
N PHE A 251 27.58 -8.23 -18.64
CA PHE A 251 28.85 -7.76 -19.19
C PHE A 251 29.84 -8.92 -19.11
N ASP A 252 30.77 -8.93 -20.07
CA ASP A 252 31.78 -9.98 -20.17
C ASP A 252 32.95 -9.65 -19.25
N TRP A 253 32.74 -9.88 -17.94
CA TRP A 253 33.78 -9.61 -16.96
C TRP A 253 34.98 -10.53 -17.17
N GLY A 254 34.74 -11.78 -17.57
CA GLY A 254 35.84 -12.69 -17.81
C GLY A 254 36.72 -12.25 -18.97
N GLY A 255 36.13 -11.62 -19.98
CA GLY A 255 36.88 -11.13 -21.11
C GLY A 255 37.85 -10.00 -20.80
N LEU A 256 37.75 -9.40 -19.60
CA LEU A 256 38.72 -8.37 -19.23
C LEU A 256 40.08 -8.97 -18.92
N GLY A 257 40.14 -10.26 -18.60
CA GLY A 257 41.40 -10.84 -18.19
C GLY A 257 41.88 -10.24 -16.88
N LYS A 258 43.20 -10.16 -16.75
CA LYS A 258 43.80 -9.55 -15.57
C LYS A 258 43.66 -8.04 -15.65
N ALA A 259 42.89 -7.46 -14.73
CA ALA A 259 42.44 -6.09 -14.90
C ALA A 259 42.06 -5.50 -13.55
N THR A 260 41.97 -4.16 -13.52
CA THR A 260 41.53 -3.42 -12.34
C THR A 260 40.21 -2.72 -12.66
N VAL A 261 39.26 -2.84 -11.74
CA VAL A 261 37.98 -2.14 -11.81
C VAL A 261 37.94 -1.17 -10.63
N VAL A 262 37.74 0.11 -10.92
CA VAL A 262 37.55 1.05 -9.83
C VAL A 262 36.06 1.34 -9.72
N ASP A 263 35.60 1.02 -8.51
CA ASP A 263 34.18 0.98 -8.15
C ASP A 263 33.84 2.25 -7.39
N ILE A 264 33.41 3.28 -8.12
CA ILE A 264 33.18 4.60 -7.54
C ILE A 264 31.83 4.61 -6.82
N GLY A 265 31.83 4.98 -5.55
CA GLY A 265 30.64 5.01 -4.74
C GLY A 265 30.14 3.61 -4.47
N GLY A 266 31.07 2.71 -4.30
CA GLY A 266 30.80 1.31 -4.07
C GLY A 266 30.26 0.79 -2.75
N ILE A 267 29.75 1.67 -1.90
CA ILE A 267 29.16 1.33 -0.63
C ILE A 267 30.17 0.63 0.26
N THR A 268 29.90 -0.60 0.63
CA THR A 268 30.81 -1.39 1.42
C THR A 268 31.50 -2.47 0.58
N GLY A 269 31.44 -2.35 -0.72
CA GLY A 269 32.06 -3.27 -1.61
C GLY A 269 31.43 -4.63 -1.82
N HIS A 270 30.19 -4.78 -1.40
CA HIS A 270 29.53 -6.08 -1.54
C HIS A 270 29.33 -6.44 -3.00
N LEU A 271 28.92 -5.49 -3.83
CA LEU A 271 28.77 -5.76 -5.25
C LEU A 271 30.12 -6.07 -5.90
N ALA A 272 31.16 -5.31 -5.55
CA ALA A 272 32.50 -5.61 -6.05
C ALA A 272 32.90 -7.04 -5.71
N SER A 273 32.60 -7.47 -4.47
CA SER A 273 32.99 -8.81 -4.05
C SER A 273 32.25 -9.88 -4.86
N THR A 274 30.97 -9.64 -5.18
CA THR A 274 30.23 -10.59 -6.00
C THR A 274 30.90 -10.78 -7.36
N VAL A 275 31.32 -9.69 -8.01
CA VAL A 275 31.97 -9.84 -9.30
C VAL A 275 33.35 -10.48 -9.13
N ALA A 276 34.12 -10.04 -8.12
CA ALA A 276 35.48 -10.54 -7.94
C ALA A 276 35.50 -12.03 -7.56
N LEU A 277 34.51 -12.50 -6.79
CA LEU A 277 34.48 -13.92 -6.45
C LEU A 277 34.30 -14.78 -7.69
N ALA A 278 33.48 -14.33 -8.65
CA ALA A 278 33.25 -15.09 -9.85
C ALA A 278 34.33 -14.90 -10.91
N ASN A 279 35.20 -13.90 -10.75
CA ASN A 279 36.20 -13.57 -11.77
C ASN A 279 37.55 -13.42 -11.09
N PRO A 280 38.30 -14.53 -10.93
CA PRO A 280 39.51 -14.50 -10.11
C PRO A 280 40.64 -13.62 -10.62
N ASP A 281 40.61 -13.17 -11.87
CA ASP A 281 41.69 -12.34 -12.40
C ASP A 281 41.48 -10.84 -12.17
N LEU A 282 40.36 -10.44 -11.56
CA LEU A 282 40.06 -9.02 -11.44
C LEU A 282 40.46 -8.47 -10.08
N THR A 283 40.91 -7.22 -10.11
CA THR A 283 41.19 -6.47 -8.89
C THR A 283 40.21 -5.32 -8.82
N PHE A 284 39.64 -5.11 -7.63
CA PHE A 284 38.65 -4.06 -7.40
C PHE A 284 39.18 -3.05 -6.39
N ILE A 285 39.04 -1.78 -6.72
CA ILE A 285 39.29 -0.69 -5.79
C ILE A 285 37.96 -0.05 -5.46
N VAL A 286 37.48 -0.25 -4.23
CA VAL A 286 36.20 0.29 -3.80
C VAL A 286 36.43 1.68 -3.24
N GLN A 287 35.89 2.70 -3.92
CA GLN A 287 36.06 4.09 -3.53
C GLN A 287 34.78 4.57 -2.88
N GLU A 288 34.88 5.05 -1.63
CA GLU A 288 33.69 5.53 -0.93
C GLU A 288 34.15 6.47 0.17
N ARG A 289 33.20 7.28 0.63
CA ARG A 289 33.44 8.21 1.73
C ARG A 289 33.61 7.43 3.02
N ASN A 290 34.68 7.75 3.78
CA ASN A 290 34.96 6.98 4.99
C ASN A 290 34.04 7.42 6.14
N GLN A 291 33.90 6.52 7.10
CA GLN A 291 33.11 6.71 8.31
C GLN A 291 33.86 6.07 9.46
N PRO A 292 33.55 6.46 10.70
CA PRO A 292 34.32 5.90 11.84
C PRO A 292 34.25 4.39 11.94
N TRP A 293 33.16 3.77 11.54
CA TRP A 293 32.99 2.32 11.58
C TRP A 293 33.23 1.65 10.24
N TYR A 294 33.57 2.42 9.19
CA TYR A 294 33.56 1.87 7.84
C TYR A 294 34.61 0.78 7.67
N GLU A 295 35.86 1.09 8.01
CA GLU A 295 36.92 0.13 7.73
C GLU A 295 36.75 -1.15 8.56
N LYS A 296 36.31 -1.00 9.81
CA LYS A 296 36.04 -2.19 10.63
C LYS A 296 35.01 -3.10 9.97
N GLN A 297 33.88 -2.52 9.52
CA GLN A 297 32.84 -3.34 8.92
C GLN A 297 33.25 -3.84 7.54
N PHE A 298 33.99 -3.02 6.77
CA PHE A 298 34.45 -3.44 5.45
C PHE A 298 35.26 -4.73 5.52
N TYR A 299 36.20 -4.81 6.47
CA TYR A 299 37.06 -5.99 6.53
C TYR A 299 36.40 -7.18 7.22
N GLU A 300 35.44 -6.93 8.11
CA GLU A 300 34.65 -8.04 8.66
C GLU A 300 33.82 -8.71 7.58
N GLN A 301 33.21 -7.92 6.68
CA GLN A 301 32.38 -8.46 5.61
C GLN A 301 33.22 -9.14 4.52
N LEU A 302 34.42 -8.62 4.27
CA LEU A 302 35.24 -9.03 3.13
C LEU A 302 35.54 -10.53 3.15
N PRO A 303 35.16 -11.29 2.12
CA PRO A 303 35.51 -12.72 2.09
C PRO A 303 37.01 -12.90 1.96
N ALA A 304 37.57 -13.76 2.82
CA ALA A 304 39.00 -14.02 2.78
C ALA A 304 39.42 -14.73 1.50
N GLU A 305 38.50 -15.45 0.90
CA GLU A 305 38.66 -16.12 -0.35
C GLU A 305 39.20 -15.23 -1.47
N LEU A 306 38.92 -13.94 -1.35
CA LEU A 306 39.33 -12.96 -2.36
C LEU A 306 40.82 -12.71 -2.33
N ASN A 307 41.51 -13.05 -1.23
CA ASN A 307 42.95 -12.90 -1.11
C ASN A 307 43.40 -11.46 -1.33
N GLY A 308 42.58 -10.51 -0.88
CA GLY A 308 42.95 -9.11 -0.99
C GLY A 308 42.70 -8.45 -2.33
N ARG A 309 42.08 -9.15 -3.27
CA ARG A 309 41.85 -8.55 -4.59
C ARG A 309 40.86 -7.38 -4.55
N VAL A 310 40.06 -7.28 -3.50
CA VAL A 310 39.13 -6.16 -3.29
C VAL A 310 39.66 -5.34 -2.12
N SER A 311 39.94 -4.06 -2.37
CA SER A 311 40.48 -3.16 -1.35
C SER A 311 39.64 -1.89 -1.28
N TYR A 312 39.83 -1.12 -0.21
CA TYR A 312 39.09 0.12 -0.01
C TYR A 312 40.04 1.31 -0.11
N MET A 313 39.59 2.32 -0.85
CA MET A 313 40.33 3.59 -0.99
C MET A 313 39.37 4.75 -0.72
N PRO A 314 39.56 5.46 0.39
CA PRO A 314 38.71 6.64 0.66
C PRO A 314 38.79 7.61 -0.51
N HIS A 315 37.63 8.17 -0.88
CA HIS A 315 37.61 8.99 -2.07
C HIS A 315 36.34 9.82 -2.14
N ASP A 316 36.47 11.07 -2.55
CA ASP A 316 35.36 11.95 -2.88
C ASP A 316 35.04 11.82 -4.36
N LYS A 317 33.82 11.34 -4.68
CA LYS A 317 33.46 11.10 -6.07
C LYS A 317 33.54 12.36 -6.94
N TYR A 318 33.49 13.55 -6.34
CA TYR A 318 33.64 14.79 -7.12
C TYR A 318 35.08 15.21 -7.33
N ALA A 319 36.03 14.57 -6.66
CA ALA A 319 37.43 14.97 -6.72
C ALA A 319 38.18 14.28 -7.84
N GLU A 320 39.43 14.72 -8.07
CA GLU A 320 40.27 14.10 -9.07
C GLU A 320 40.40 12.60 -8.82
N GLN A 321 40.31 11.80 -9.89
CA GLN A 321 40.38 10.35 -9.74
C GLN A 321 41.84 9.93 -9.69
N PRO A 322 42.29 9.36 -8.56
CA PRO A 322 43.72 9.06 -8.42
C PRO A 322 44.20 7.79 -9.11
N VAL A 323 43.30 6.91 -9.54
CA VAL A 323 43.77 5.72 -10.24
C VAL A 323 43.58 5.97 -11.73
N LYS A 324 44.74 6.00 -12.39
CA LYS A 324 44.87 6.37 -13.80
C LYS A 324 44.95 5.12 -14.68
N GLY A 325 44.24 5.13 -15.80
CA GLY A 325 44.35 4.07 -16.78
C GLY A 325 43.79 2.72 -16.39
N ALA A 326 42.85 2.68 -15.44
CA ALA A 326 42.24 1.41 -15.09
C ALA A 326 41.41 0.87 -16.26
N ASP A 327 41.25 -0.44 -16.28
CA ASP A 327 40.46 -1.12 -17.31
C ASP A 327 39.02 -0.64 -17.30
N VAL A 328 38.46 -0.56 -16.10
CA VAL A 328 37.04 -0.23 -15.94
C VAL A 328 36.88 0.77 -14.79
N TYR A 329 36.11 1.82 -15.04
CA TYR A 329 35.56 2.67 -13.99
C TYR A 329 34.07 2.35 -13.88
N PHE A 330 33.64 1.91 -12.70
CA PHE A 330 32.31 1.32 -12.51
C PHE A 330 31.53 2.12 -11.48
N MET A 331 30.27 2.43 -11.80
CA MET A 331 29.39 3.17 -10.90
C MET A 331 28.01 2.51 -10.91
N SER A 332 27.61 1.91 -9.79
CA SER A 332 26.32 1.23 -9.67
C SER A 332 25.35 2.08 -8.87
N THR A 333 24.26 2.49 -9.52
CA THR A 333 23.19 3.32 -8.96
C THR A 333 23.75 4.51 -8.18
N VAL A 334 24.77 5.16 -8.76
CA VAL A 334 25.29 6.43 -8.26
C VAL A 334 24.62 7.61 -8.95
N LEU A 335 24.55 7.57 -10.28
CA LEU A 335 24.24 8.77 -11.05
C LEU A 335 22.77 9.16 -10.98
N HIS A 336 21.87 8.23 -10.63
CA HIS A 336 20.47 8.62 -10.52
C HIS A 336 20.21 9.49 -9.31
N LYS A 337 21.20 9.69 -8.44
CA LYS A 337 21.09 10.66 -7.36
C LYS A 337 21.85 11.94 -7.66
N GLU A 338 22.31 12.11 -8.89
CA GLU A 338 23.13 13.27 -9.27
C GLU A 338 22.42 14.05 -10.36
N PRO A 339 22.01 15.28 -10.10
CA PRO A 339 21.52 16.13 -11.19
C PRO A 339 22.61 16.34 -12.24
N ASP A 340 22.20 16.84 -13.40
CA ASP A 340 23.08 16.88 -14.57
C ASP A 340 24.45 17.49 -14.26
N ASP A 341 24.46 18.65 -13.58
CA ASP A 341 25.73 19.34 -13.34
C ASP A 341 26.67 18.52 -12.46
N LYS A 342 26.13 17.84 -11.44
CA LYS A 342 26.97 17.01 -10.57
C LYS A 342 27.37 15.72 -11.27
N ALA A 343 26.45 15.14 -12.03
CA ALA A 343 26.80 13.96 -12.83
C ALA A 343 27.93 14.29 -13.79
N ILE A 344 27.87 15.48 -14.41
CA ILE A 344 28.90 15.85 -15.36
C ILE A 344 30.25 16.00 -14.67
N THR A 345 30.25 16.56 -13.47
CA THR A 345 31.50 16.68 -12.71
C THR A 345 32.13 15.31 -12.48
N ILE A 346 31.34 14.35 -11.99
CA ILE A 346 31.85 13.00 -11.75
C ILE A 346 32.33 12.37 -13.05
N LEU A 347 31.54 12.49 -14.11
CA LEU A 347 31.92 11.87 -15.38
C LEU A 347 33.20 12.48 -15.91
N ARG A 348 33.39 13.78 -15.76
CA ARG A 348 34.61 14.40 -16.27
C ARG A 348 35.83 14.01 -15.42
N ARG A 349 35.64 13.77 -14.11
CA ARG A 349 36.73 13.21 -13.32
C ARG A 349 37.14 11.84 -13.85
N CYS A 350 36.16 11.02 -14.24
CA CYS A 350 36.48 9.71 -14.83
C CYS A 350 37.22 9.88 -16.14
N VAL A 351 36.75 10.79 -17.00
CA VAL A 351 37.36 10.95 -18.32
C VAL A 351 38.83 11.31 -18.20
N GLU A 352 39.15 12.22 -17.28
CA GLU A 352 40.53 12.66 -17.14
C GLU A 352 41.46 11.49 -16.80
N ALA A 353 40.97 10.54 -16.00
CA ALA A 353 41.79 9.40 -15.59
C ALA A 353 41.80 8.26 -16.60
N MET A 354 40.81 8.21 -17.49
CA MET A 354 40.65 7.15 -18.48
C MET A 354 41.76 7.20 -19.51
N ASP A 355 42.26 6.04 -19.95
CA ASP A 355 42.96 5.93 -21.22
C ASP A 355 41.92 5.62 -22.29
N PRO A 356 41.65 6.54 -23.22
CA PRO A 356 40.53 6.35 -24.16
C PRO A 356 40.63 5.08 -24.98
N ASN A 357 41.83 4.58 -25.23
CA ASN A 357 41.98 3.39 -26.05
C ASN A 357 42.01 2.11 -25.23
N LYS A 358 41.93 2.21 -23.90
CA LYS A 358 42.03 1.02 -23.05
C LYS A 358 41.03 0.97 -21.91
N SER A 359 40.47 2.10 -21.48
CA SER A 359 39.55 2.16 -20.35
C SER A 359 38.11 2.17 -20.85
N ARG A 360 37.22 1.51 -20.10
CA ARG A 360 35.78 1.60 -20.27
C ARG A 360 35.17 2.23 -19.02
N LEU A 361 34.01 2.85 -19.20
CA LEU A 361 33.22 3.30 -18.06
C LEU A 361 31.90 2.53 -18.09
N LEU A 362 31.66 1.77 -17.03
CA LEU A 362 30.46 0.97 -16.88
C LEU A 362 29.56 1.61 -15.82
N THR A 363 28.27 1.77 -16.13
CA THR A 363 27.32 2.22 -15.12
C THR A 363 26.18 1.22 -15.04
N ARG A 364 25.67 1.01 -13.82
CA ARG A 364 24.42 0.27 -13.62
C ARG A 364 23.38 1.25 -13.11
N ASP A 365 22.32 1.45 -13.90
CA ASP A 365 21.28 2.39 -13.53
C ASP A 365 20.00 1.98 -14.25
N ILE A 366 18.88 2.49 -13.74
CA ILE A 366 17.61 2.34 -14.43
C ILE A 366 17.65 3.08 -15.76
N VAL A 367 17.23 2.40 -16.82
CA VAL A 367 16.92 3.02 -18.11
C VAL A 367 15.39 2.98 -18.22
N MET A 368 14.75 4.14 -18.05
CA MET A 368 13.32 4.17 -17.81
C MET A 368 12.52 3.51 -18.94
N ASP A 369 12.99 3.62 -20.18
CA ASP A 369 12.31 2.97 -21.30
C ASP A 369 12.94 1.62 -21.66
N GLY A 370 13.89 1.14 -20.88
CA GLY A 370 14.33 -0.23 -21.02
C GLY A 370 15.63 -0.42 -21.79
N GLY A 371 16.46 -1.32 -21.28
CA GLY A 371 17.66 -1.72 -21.98
C GLY A 371 17.40 -2.93 -22.85
N ASP A 372 18.48 -3.50 -23.38
CA ASP A 372 18.42 -4.63 -24.29
C ASP A 372 18.71 -5.93 -23.56
N PRO A 373 18.15 -7.01 -24.01
CA PRO A 373 18.39 -8.28 -23.35
C PRO A 373 19.78 -8.78 -23.64
N PRO A 374 20.32 -9.53 -22.74
CA PRO A 374 21.63 -10.10 -22.92
C PRO A 374 21.64 -10.99 -24.12
N ALA A 375 22.78 -10.98 -24.80
CA ALA A 375 23.07 -11.74 -26.01
C ALA A 375 22.66 -13.19 -26.08
N GLU A 376 22.92 -13.93 -25.03
CA GLU A 376 22.49 -15.28 -24.73
C GLU A 376 21.01 -15.58 -25.04
N ASP A 377 20.20 -14.56 -24.76
CA ASP A 377 18.75 -14.69 -24.89
C ASP A 377 18.41 -14.79 -26.37
N ARG A 383 13.90 -12.40 -32.89
CA ARG A 383 12.96 -13.38 -33.39
C ARG A 383 11.93 -13.84 -32.35
N ALA A 384 10.92 -13.04 -32.17
CA ALA A 384 9.87 -13.35 -31.24
C ALA A 384 8.99 -14.36 -31.89
N ILE A 385 8.58 -15.36 -31.11
CA ILE A 385 7.69 -16.41 -31.59
C ILE A 385 6.25 -16.07 -31.24
N ASN A 386 5.93 -16.21 -29.97
CA ASN A 386 4.54 -15.91 -29.64
C ASN A 386 4.39 -14.40 -29.50
N SER A 387 3.17 -13.96 -29.80
CA SER A 387 2.89 -12.59 -29.87
C SER A 387 3.37 -11.72 -28.75
N LYS A 388 3.89 -10.57 -29.15
CA LYS A 388 4.22 -9.53 -28.20
C LYS A 388 2.94 -8.71 -27.99
N GLU A 389 2.89 -7.98 -26.89
CA GLU A 389 1.73 -7.20 -26.55
C GLU A 389 1.93 -5.74 -26.61
N GLY A 390 1.08 -5.00 -27.28
CA GLY A 390 1.25 -3.57 -27.15
C GLY A 390 2.56 -3.09 -27.75
N SER A 391 2.92 -1.88 -27.34
CA SER A 391 4.10 -1.17 -27.82
C SER A 391 5.34 -1.42 -26.97
N TYR A 392 5.24 -2.22 -25.90
CA TYR A 392 6.30 -2.30 -24.91
C TYR A 392 6.74 -3.74 -24.68
N GLU A 393 8.01 -3.91 -24.32
CA GLU A 393 8.49 -5.20 -23.87
C GLU A 393 7.81 -5.61 -22.56
N ALA A 394 7.76 -6.93 -22.33
CA ALA A 394 7.10 -7.43 -21.13
C ALA A 394 7.73 -6.84 -19.88
N GLY A 395 6.89 -6.36 -18.97
CA GLY A 395 7.32 -5.69 -17.78
C GLY A 395 7.34 -4.17 -17.88
N LEU A 396 7.38 -3.62 -19.09
CA LEU A 396 7.40 -2.18 -19.30
C LEU A 396 6.02 -1.70 -19.75
N GLY A 397 5.91 -0.42 -20.12
CA GLY A 397 4.62 0.14 -20.44
C GLY A 397 3.93 0.73 -19.21
N PRO A 398 2.83 1.44 -19.42
CA PRO A 398 2.21 2.20 -18.30
C PRO A 398 1.72 1.35 -17.14
N THR A 399 1.43 0.07 -17.33
CA THR A 399 1.03 -0.76 -16.20
C THR A 399 2.02 -1.90 -15.95
N GLY A 400 3.21 -1.81 -16.52
CA GLY A 400 4.20 -2.86 -16.34
C GLY A 400 4.72 -2.94 -14.91
N VAL A 401 5.03 -4.15 -14.48
CA VAL A 401 5.51 -4.31 -13.10
C VAL A 401 6.97 -3.85 -12.97
N ILE A 402 7.75 -3.93 -14.06
CA ILE A 402 9.08 -3.33 -14.01
C ILE A 402 9.00 -1.81 -14.11
N THR A 403 7.99 -1.32 -14.81
CA THR A 403 7.75 0.09 -14.85
C THR A 403 7.49 0.58 -13.43
N ARG A 404 6.67 -0.15 -12.73
CA ARG A 404 6.31 0.16 -11.38
C ARG A 404 7.53 0.22 -10.44
N LEU A 405 8.40 -0.75 -10.57
CA LEU A 405 9.62 -0.77 -9.81
C LEU A 405 10.50 0.44 -10.15
N ASN A 406 10.66 0.73 -11.41
CA ASN A 406 11.40 1.85 -11.87
C ASN A 406 10.87 3.15 -11.21
N ILE A 407 9.56 3.33 -11.22
CA ILE A 407 8.93 4.49 -10.64
C ILE A 407 9.09 4.53 -9.12
N GLY A 408 8.93 3.40 -8.48
CA GLY A 408 9.16 3.38 -7.05
C GLY A 408 10.57 3.84 -6.69
N ILE A 409 11.57 3.39 -7.46
CA ILE A 409 12.93 3.85 -7.21
C ILE A 409 13.08 5.32 -7.57
N ASP A 410 12.47 5.74 -8.68
CA ASP A 410 12.42 7.17 -9.05
C ASP A 410 11.87 8.01 -7.91
N PHE A 411 10.77 7.56 -7.30
CA PHE A 411 10.18 8.30 -6.20
C PHE A 411 11.03 8.22 -4.95
N GLN A 412 11.73 7.09 -4.75
CA GLN A 412 12.60 6.94 -3.59
C GLN A 412 13.71 7.99 -3.60
N VAL A 413 14.36 8.17 -4.76
CA VAL A 413 15.43 9.17 -4.83
C VAL A 413 14.86 10.58 -4.93
N LEU A 414 13.69 10.74 -5.55
CA LEU A 414 13.02 12.05 -5.53
C LEU A 414 12.75 12.48 -4.10
N ALA A 415 12.27 11.55 -3.28
CA ALA A 415 11.88 11.87 -1.91
C ALA A 415 13.07 12.31 -1.06
N VAL A 416 14.18 11.57 -1.14
CA VAL A 416 15.26 11.84 -0.18
C VAL A 416 16.24 12.89 -0.69
N VAL A 417 16.46 13.00 -2.00
CA VAL A 417 17.48 13.93 -2.51
C VAL A 417 17.04 14.70 -3.76
N ASN A 418 15.77 14.59 -4.14
CA ASN A 418 15.24 15.17 -5.38
C ASN A 418 15.97 14.62 -6.60
N GLY A 419 16.42 13.37 -6.53
CA GLY A 419 17.00 12.70 -7.67
C GLY A 419 15.93 12.30 -8.67
N PHE A 420 16.35 11.61 -9.74
CA PHE A 420 15.42 11.20 -10.80
C PHE A 420 16.07 10.17 -11.70
N GLU A 421 15.25 9.30 -12.29
CA GLU A 421 15.70 8.31 -13.25
C GLU A 421 15.64 8.88 -14.66
N ARG A 422 16.41 8.26 -15.56
CA ARG A 422 16.55 8.80 -16.91
C ARG A 422 16.25 7.74 -17.94
N THR A 423 15.82 8.21 -19.11
CA THR A 423 15.67 7.37 -20.29
C THR A 423 17.03 7.11 -20.92
N ARG A 424 17.07 6.15 -21.86
CA ARG A 424 18.31 5.91 -22.58
C ARG A 424 18.77 7.15 -23.32
N GLU A 425 17.85 7.81 -24.01
CA GLU A 425 18.19 9.05 -24.70
C GLU A 425 18.76 10.08 -23.75
N GLU A 426 18.19 10.19 -22.54
CA GLU A 426 18.68 11.16 -21.56
C GLU A 426 20.06 10.78 -21.06
N TRP A 427 20.33 9.49 -20.93
CA TRP A 427 21.68 9.05 -20.54
C TRP A 427 22.70 9.42 -21.62
N VAL A 428 22.40 9.10 -22.88
CA VAL A 428 23.37 9.38 -23.93
C VAL A 428 23.61 10.89 -24.04
N THR A 429 22.53 11.68 -23.95
CA THR A 429 22.67 13.14 -23.99
C THR A 429 23.55 13.66 -22.86
N LEU A 430 23.38 13.13 -21.65
CA LEU A 430 24.19 13.58 -20.52
C LEU A 430 25.65 13.21 -20.69
N PHE A 431 25.94 11.96 -21.07
CA PHE A 431 27.33 11.56 -21.24
C PHE A 431 28.00 12.37 -22.34
N LYS A 432 27.29 12.64 -23.44
CA LYS A 432 27.89 13.41 -24.52
C LYS A 432 28.13 14.86 -24.10
N LYS A 433 27.35 15.37 -23.15
CA LYS A 433 27.64 16.70 -22.61
C LYS A 433 28.90 16.67 -21.75
N ALA A 434 29.09 15.60 -20.97
CA ALA A 434 30.32 15.45 -20.21
C ALA A 434 31.54 15.38 -21.12
N ASP A 435 31.46 14.56 -22.18
CA ASP A 435 32.53 14.51 -23.18
C ASP A 435 31.95 14.06 -24.52
N PRO A 436 32.14 14.83 -25.60
CA PRO A 436 31.54 14.45 -26.89
C PRO A 436 31.99 13.11 -27.44
N ARG A 437 33.12 12.58 -26.97
CA ARG A 437 33.62 11.28 -27.45
C ARG A 437 32.81 10.10 -26.91
N PHE A 438 31.99 10.30 -25.89
CA PHE A 438 31.32 9.17 -25.25
C PHE A 438 30.35 8.51 -26.22
N ALA A 439 30.37 7.19 -26.23
CA ALA A 439 29.46 6.40 -27.04
C ALA A 439 28.98 5.23 -26.21
N LEU A 440 27.69 4.93 -26.32
CA LEU A 440 27.02 3.83 -25.64
C LEU A 440 27.26 2.55 -26.42
N LYS A 441 28.15 1.66 -25.93
CA LYS A 441 28.47 0.42 -26.65
C LYS A 441 27.49 -0.70 -26.35
N GLY A 442 26.91 -0.71 -25.17
CA GLY A 442 25.96 -1.74 -24.80
C GLY A 442 25.10 -1.23 -23.68
N CYS A 443 23.85 -1.72 -23.64
CA CYS A 443 22.88 -1.29 -22.63
C CYS A 443 22.06 -2.54 -22.30
N ILE A 444 22.54 -3.34 -21.36
CA ILE A 444 22.06 -4.70 -21.16
C ILE A 444 21.23 -4.78 -19.89
N GLN A 445 19.96 -5.13 -20.06
CA GLN A 445 19.02 -5.30 -18.96
C GLN A 445 18.54 -6.74 -18.95
N THR A 446 18.95 -7.51 -17.95
CA THR A 446 18.48 -8.90 -17.85
C THR A 446 16.99 -8.91 -17.58
N VAL A 447 16.29 -9.92 -18.11
CA VAL A 447 14.84 -9.96 -18.00
C VAL A 447 14.44 -10.28 -16.58
N GLY A 448 13.58 -9.42 -15.99
CA GLY A 448 13.26 -9.48 -14.59
C GLY A 448 13.97 -8.44 -13.74
N ASN A 449 15.01 -7.82 -14.28
CA ASN A 449 15.77 -6.78 -13.63
C ASN A 449 15.19 -5.43 -14.04
N CYS A 450 15.30 -4.45 -13.15
CA CYS A 450 14.90 -3.10 -13.50
C CYS A 450 16.07 -2.23 -13.95
N ALA A 451 17.31 -2.66 -13.70
CA ALA A 451 18.50 -1.88 -14.00
C ALA A 451 19.24 -2.47 -15.18
N ALA A 452 19.89 -1.61 -15.95
CA ALA A 452 20.72 -1.99 -17.09
C ALA A 452 22.19 -1.73 -16.79
N LEU A 453 23.06 -2.56 -17.34
CA LEU A 453 24.49 -2.33 -17.24
C LEU A 453 24.92 -1.69 -18.56
N MET A 454 25.35 -0.44 -18.48
CA MET A 454 25.67 0.36 -19.65
C MET A 454 27.18 0.47 -19.79
N GLU A 455 27.68 0.20 -20.99
CA GLU A 455 29.11 0.24 -21.29
C GLU A 455 29.39 1.46 -22.14
N TRP A 456 30.21 2.36 -21.63
CA TRP A 456 30.57 3.57 -22.35
C TRP A 456 32.06 3.58 -22.65
N ILE A 457 32.39 4.03 -23.85
CA ILE A 457 33.77 4.20 -24.28
C ILE A 457 33.91 5.58 -24.90
N LEU A 458 35.15 6.05 -24.96
CA LEU A 458 35.42 7.32 -25.61
C LEU A 458 36.09 7.01 -26.94
N GLU A 459 35.37 7.37 -28.01
CA GLU A 459 35.81 7.04 -29.36
C GLU A 459 36.64 8.16 -29.96
N VAL B 2 -0.67 -24.42 -2.75
CA VAL B 2 -1.35 -23.99 -3.95
C VAL B 2 -0.31 -23.58 -5.00
N THR B 3 -0.61 -23.76 -6.28
CA THR B 3 0.32 -23.46 -7.38
C THR B 3 -0.28 -22.43 -8.31
N LEU B 4 0.57 -21.87 -9.18
CA LEU B 4 0.04 -20.88 -10.11
C LEU B 4 -1.02 -21.49 -11.03
N ALA B 5 -0.86 -22.75 -11.46
CA ALA B 5 -1.89 -23.34 -12.32
C ALA B 5 -3.20 -23.51 -11.58
N GLU B 6 -3.15 -23.86 -10.30
CA GLU B 6 -4.38 -24.04 -9.53
C GLU B 6 -5.10 -22.70 -9.34
N LEU B 7 -4.35 -21.64 -9.06
CA LEU B 7 -4.99 -20.32 -8.96
C LEU B 7 -5.58 -19.90 -10.29
N ALA B 8 -4.85 -20.14 -11.39
CA ALA B 8 -5.38 -19.79 -12.71
C ALA B 8 -6.68 -20.53 -12.98
N SER B 9 -6.76 -21.79 -12.55
CA SER B 9 -7.97 -22.57 -12.79
C SER B 9 -9.14 -22.06 -11.95
N ASP B 10 -8.89 -21.74 -10.67
CA ASP B 10 -9.95 -21.17 -9.83
C ASP B 10 -10.43 -19.83 -10.39
N ILE B 11 -9.50 -19.01 -10.88
CA ILE B 11 -9.88 -17.72 -11.45
C ILE B 11 -10.82 -17.92 -12.62
N GLN B 12 -10.53 -18.89 -13.49
CA GLN B 12 -11.40 -19.15 -14.63
C GLN B 12 -12.81 -19.51 -14.17
N SER B 13 -12.93 -20.34 -13.13
CA SER B 13 -14.25 -20.72 -12.63
C SER B 13 -15.04 -19.51 -12.16
N GLN B 14 -14.40 -18.60 -11.42
CA GLN B 14 -15.14 -17.45 -10.90
C GLN B 14 -15.49 -16.47 -12.01
N VAL B 15 -14.55 -16.19 -12.93
CA VAL B 15 -14.85 -15.28 -14.04
C VAL B 15 -16.02 -15.83 -14.86
N LYS B 16 -16.06 -17.14 -15.05
CA LYS B 16 -17.16 -17.72 -15.84
C LYS B 16 -18.51 -17.40 -15.22
N VAL B 17 -18.62 -17.44 -13.88
CA VAL B 17 -19.88 -17.12 -13.21
C VAL B 17 -20.30 -15.68 -13.51
N ILE B 18 -19.36 -14.76 -13.35
CA ILE B 18 -19.66 -13.34 -13.55
C ILE B 18 -19.94 -13.05 -15.01
N ASP B 19 -19.07 -13.54 -15.89
CA ASP B 19 -19.19 -13.26 -17.32
C ASP B 19 -20.50 -13.80 -17.87
N THR B 20 -20.86 -15.02 -17.48
CA THR B 20 -22.12 -15.60 -17.94
C THR B 20 -23.30 -14.77 -17.48
N TYR B 21 -23.28 -14.29 -16.23
CA TYR B 21 -24.41 -13.51 -15.73
C TYR B 21 -24.56 -12.21 -16.51
N LEU B 22 -23.46 -11.51 -16.76
CA LEU B 22 -23.53 -10.23 -17.47
C LEU B 22 -24.06 -10.42 -18.90
N THR B 23 -23.51 -11.38 -19.65
CA THR B 23 -24.05 -11.72 -20.97
C THR B 23 -25.52 -12.05 -20.90
N GLU B 24 -25.90 -13.01 -20.05
CA GLU B 24 -27.28 -13.49 -20.03
C GLU B 24 -28.27 -12.41 -19.60
N HIS B 25 -27.83 -11.40 -18.85
CA HIS B 25 -28.72 -10.31 -18.46
C HIS B 25 -28.50 -9.05 -19.26
N ASN B 26 -27.66 -9.10 -20.30
CA ASN B 26 -27.39 -7.95 -21.18
C ASN B 26 -26.90 -6.75 -20.38
N LEU B 27 -25.92 -6.98 -19.52
CA LEU B 27 -25.37 -5.89 -18.73
C LEU B 27 -23.97 -5.52 -19.20
N PRO B 28 -23.61 -4.24 -19.17
CA PRO B 28 -22.27 -3.85 -19.63
C PRO B 28 -21.17 -4.47 -18.77
N GLN B 29 -20.07 -4.80 -19.42
CA GLN B 29 -18.92 -5.38 -18.73
C GLN B 29 -18.14 -4.29 -18.00
N PRO B 30 -17.61 -4.57 -16.81
CA PRO B 30 -16.61 -3.67 -16.22
C PRO B 30 -15.39 -3.58 -17.12
N THR B 31 -14.89 -2.35 -17.27
CA THR B 31 -13.62 -2.10 -17.96
C THR B 31 -12.90 -1.02 -17.17
N PHE B 32 -11.76 -0.56 -17.66
CA PHE B 32 -11.12 0.59 -17.03
C PHE B 32 -11.52 1.90 -17.70
N ALA B 33 -12.47 1.87 -18.63
CA ALA B 33 -12.92 3.11 -19.24
C ALA B 33 -13.77 3.92 -18.26
N PRO B 34 -13.77 5.24 -18.39
CA PRO B 34 -14.60 6.06 -17.47
C PRO B 34 -16.08 5.73 -17.51
N ASP B 35 -16.59 5.23 -18.65
CA ASP B 35 -18.02 4.91 -18.74
C ASP B 35 -18.35 3.52 -18.19
N SER B 36 -17.38 2.83 -17.58
CA SER B 36 -17.63 1.48 -17.06
C SER B 36 -18.64 1.53 -15.92
N PRO B 37 -19.41 0.46 -15.74
CA PRO B 37 -20.14 0.30 -14.47
C PRO B 37 -19.15 0.35 -13.32
N ARG B 38 -19.56 0.96 -12.23
CA ARG B 38 -18.67 1.15 -11.10
C ARG B 38 -18.67 -0.05 -10.16
N GLU B 39 -19.59 -0.99 -10.34
CA GLU B 39 -19.67 -2.19 -9.52
C GLU B 39 -20.35 -3.27 -10.33
N LEU B 40 -20.28 -4.47 -9.82
CA LEU B 40 -20.98 -5.61 -10.39
C LEU B 40 -22.38 -5.73 -9.79
N PRO B 41 -23.26 -6.52 -10.41
CA PRO B 41 -24.61 -6.70 -9.87
C PRO B 41 -24.61 -7.21 -8.44
N LEU B 42 -25.66 -6.86 -7.70
CA LEU B 42 -25.76 -7.25 -6.30
C LEU B 42 -26.17 -8.70 -6.11
N ASP B 43 -26.52 -9.41 -7.19
CA ASP B 43 -26.86 -10.83 -7.09
C ASP B 43 -25.81 -11.57 -6.25
N ALA B 44 -26.30 -12.36 -5.29
CA ALA B 44 -25.41 -12.93 -4.29
C ALA B 44 -24.40 -13.89 -4.91
N ASN B 45 -24.82 -14.65 -5.94
CA ASN B 45 -23.89 -15.55 -6.60
C ASN B 45 -22.81 -14.78 -7.36
N VAL B 46 -23.19 -13.65 -7.96
CA VAL B 46 -22.21 -12.81 -8.65
C VAL B 46 -21.23 -12.23 -7.64
N GLN B 47 -21.73 -11.74 -6.52
CA GLN B 47 -20.83 -11.11 -5.54
C GLN B 47 -19.95 -12.14 -4.86
N ARG B 48 -20.44 -13.36 -4.62
CA ARG B 48 -19.57 -14.40 -4.07
C ARG B 48 -18.43 -14.71 -5.03
N ALA B 49 -18.73 -14.82 -6.32
CA ALA B 49 -17.68 -15.08 -7.30
C ALA B 49 -16.71 -13.92 -7.40
N ARG B 50 -17.21 -12.68 -7.30
CA ARG B 50 -16.33 -11.51 -7.33
C ARG B 50 -15.36 -11.52 -6.16
N LEU B 51 -15.88 -11.77 -4.95
CA LEU B 51 -15.02 -11.76 -3.76
C LEU B 51 -13.96 -12.86 -3.84
N LEU B 52 -14.34 -14.06 -4.27
CA LEU B 52 -13.37 -15.12 -4.52
C LEU B 52 -12.39 -14.74 -5.61
N LEU B 53 -12.89 -14.10 -6.68
CA LEU B 53 -12.03 -13.72 -7.79
C LEU B 53 -10.94 -12.76 -7.34
N ILE B 54 -11.29 -11.76 -6.53
CA ILE B 54 -10.29 -10.82 -6.05
C ILE B 54 -9.24 -11.56 -5.24
N GLU B 55 -9.69 -12.42 -4.32
CA GLU B 55 -8.78 -13.14 -3.46
C GLU B 55 -7.82 -14.03 -4.25
N LYS B 56 -8.34 -14.75 -5.26
CA LYS B 56 -7.48 -15.62 -6.04
C LYS B 56 -6.51 -14.83 -6.90
N ALA B 57 -6.96 -13.70 -7.45
CA ALA B 57 -6.08 -12.89 -8.30
C ALA B 57 -4.97 -12.22 -7.48
N MET B 58 -5.28 -11.82 -6.25
CA MET B 58 -4.25 -11.29 -5.36
C MET B 58 -3.25 -12.37 -4.96
N ALA B 59 -3.74 -13.59 -4.72
CA ALA B 59 -2.84 -14.69 -4.44
C ALA B 59 -1.95 -14.98 -5.65
N LEU B 60 -2.50 -14.86 -6.86
CA LEU B 60 -1.73 -15.16 -8.07
C LEU B 60 -0.64 -14.12 -8.31
N SER B 61 -0.97 -12.83 -8.20
CA SER B 61 0.07 -11.83 -8.37
C SER B 61 1.14 -12.00 -7.31
N ASN B 62 0.74 -12.25 -6.06
CA ASN B 62 1.71 -12.47 -4.99
C ASN B 62 2.61 -13.67 -5.28
N LEU B 63 2.02 -14.79 -5.68
CA LEU B 63 2.82 -15.99 -5.92
C LEU B 63 3.77 -15.79 -7.08
N ALA B 64 3.30 -15.12 -8.13
CA ALA B 64 4.13 -14.86 -9.30
C ALA B 64 5.23 -13.85 -9.00
N ILE B 65 4.97 -12.89 -8.12
CA ILE B 65 6.08 -12.01 -7.74
C ILE B 65 7.15 -12.81 -6.99
N GLY B 66 6.74 -13.71 -6.10
CA GLY B 66 7.66 -14.61 -5.44
C GLY B 66 8.19 -14.06 -4.13
N ALA B 67 8.74 -14.97 -3.32
CA ALA B 67 9.18 -14.58 -1.97
C ALA B 67 10.36 -13.62 -2.02
N ALA B 68 11.26 -13.75 -3.00
CA ALA B 68 12.42 -12.87 -3.01
C ALA B 68 12.01 -11.43 -3.31
N ASP B 69 11.04 -11.24 -4.20
CA ASP B 69 10.69 -9.88 -4.59
C ASP B 69 9.52 -9.29 -3.82
N ASN B 70 8.73 -10.08 -3.10
CA ASN B 70 7.53 -9.51 -2.48
C ASN B 70 7.90 -8.42 -1.46
N LEU B 71 8.70 -8.77 -0.58
CA LEU B 71 8.98 -7.74 0.44
C LEU B 71 9.90 -6.65 -0.11
N ARG B 72 10.82 -6.92 -0.90
CA ARG B 72 11.63 -5.89 -1.54
C ARG B 72 10.76 -4.89 -2.29
N TRP B 73 9.87 -5.39 -3.14
CA TRP B 73 9.03 -4.48 -3.91
C TRP B 73 7.99 -3.83 -3.03
N HIS B 74 7.46 -4.53 -2.02
CA HIS B 74 6.38 -3.94 -1.24
C HIS B 74 6.85 -2.68 -0.52
N CYS B 75 7.96 -2.77 0.21
CA CYS B 75 8.43 -1.60 0.94
C CYS B 75 8.96 -0.50 0.03
N MET B 76 9.22 -0.81 -1.24
CA MET B 76 9.57 0.24 -2.18
C MET B 76 8.33 0.99 -2.65
N ASN B 77 7.33 0.26 -3.16
CA ASN B 77 6.28 0.84 -3.99
C ASN B 77 5.02 1.19 -3.24
N ASN B 78 4.65 0.41 -2.21
N ASN B 78 4.61 0.40 -2.27
CA ASN B 78 3.37 0.57 -1.53
CA ASN B 78 3.36 0.63 -1.57
C ASN B 78 3.14 2.00 -1.05
C ASN B 78 3.13 2.03 -1.02
N LYS B 79 4.11 2.56 -0.33
CA LYS B 79 3.94 3.90 0.22
C LYS B 79 3.73 4.93 -0.89
N PHE B 80 4.23 4.65 -2.09
CA PHE B 80 4.12 5.65 -3.14
C PHE B 80 2.77 5.62 -3.85
N ASP B 81 2.03 4.52 -3.73
CA ASP B 81 0.64 4.53 -4.22
C ASP B 81 -0.19 5.51 -3.40
N ASP B 82 0.03 5.53 -2.09
CA ASP B 82 -0.59 6.53 -1.22
C ASP B 82 -0.11 7.93 -1.58
N MET B 83 1.21 8.11 -1.73
CA MET B 83 1.74 9.43 -2.07
C MET B 83 1.20 9.93 -3.41
N THR B 84 1.01 9.04 -4.38
CA THR B 84 0.41 9.41 -5.65
C THR B 84 -0.97 10.01 -5.45
N LEU B 85 -1.79 9.35 -4.65
CA LEU B 85 -3.13 9.82 -4.36
C LEU B 85 -3.05 11.16 -3.64
N HIS B 86 -2.02 11.30 -2.80
CA HIS B 86 -1.82 12.54 -2.06
C HIS B 86 -1.72 13.71 -3.03
N PHE B 87 -0.86 13.56 -4.03
CA PHE B 87 -0.68 14.60 -5.04
C PHE B 87 -1.97 14.82 -5.83
N LEU B 88 -2.62 13.74 -6.25
CA LEU B 88 -3.84 13.88 -7.06
C LEU B 88 -4.89 14.67 -6.32
N ALA B 89 -5.02 14.43 -5.01
CA ALA B 89 -6.01 15.14 -4.20
C ALA B 89 -5.60 16.59 -3.96
N ARG B 90 -4.35 16.81 -3.55
CA ARG B 90 -3.93 18.14 -3.13
C ARG B 90 -3.86 19.10 -4.29
N TYR B 91 -3.57 18.59 -5.49
CA TYR B 91 -3.52 19.40 -6.70
C TYR B 91 -4.82 19.38 -7.47
N ASN B 92 -5.85 18.70 -6.95
CA ASN B 92 -7.19 18.71 -7.54
C ASN B 92 -7.15 18.17 -8.98
N ILE B 93 -6.36 17.13 -9.20
CA ILE B 93 -6.12 16.65 -10.55
C ILE B 93 -7.32 15.85 -11.09
N PHE B 94 -8.08 15.18 -10.22
CA PHE B 94 -9.28 14.49 -10.71
C PHE B 94 -10.22 15.45 -11.44
N ASP B 95 -10.47 16.63 -10.86
CA ASP B 95 -11.35 17.60 -11.49
C ASP B 95 -10.70 18.28 -12.68
N ALA B 96 -9.37 18.38 -12.69
CA ALA B 96 -8.68 19.12 -13.76
C ALA B 96 -8.61 18.33 -15.06
N VAL B 97 -8.64 17.00 -15.00
CA VAL B 97 -8.68 16.17 -16.19
C VAL B 97 -10.15 15.98 -16.59
N PRO B 98 -10.56 16.38 -17.79
CA PRO B 98 -11.97 16.20 -18.20
C PRO B 98 -12.36 14.73 -18.18
N ARG B 99 -13.64 14.47 -17.86
CA ARG B 99 -14.07 13.09 -17.70
CA ARG B 99 -14.09 13.08 -17.70
C ARG B 99 -13.91 12.28 -19.00
N ASP B 100 -14.30 12.87 -20.13
CA ASP B 100 -14.41 12.13 -21.38
C ASP B 100 -13.51 12.62 -22.50
N GLU B 101 -12.54 13.48 -22.20
CA GLU B 101 -11.55 13.91 -23.18
C GLU B 101 -10.16 13.87 -22.56
N PRO B 102 -9.14 13.65 -23.38
CA PRO B 102 -7.76 13.72 -22.87
C PRO B 102 -7.30 15.16 -22.68
N ILE B 103 -6.26 15.33 -21.89
CA ILE B 103 -5.66 16.64 -21.69
C ILE B 103 -4.14 16.48 -21.72
N SER B 104 -3.46 17.41 -22.34
CA SER B 104 -2.02 17.34 -22.41
C SER B 104 -1.39 17.63 -21.08
N TYR B 105 -0.20 17.10 -20.84
CA TYR B 105 0.51 17.39 -19.62
C TYR B 105 0.74 18.88 -19.44
N ALA B 106 1.09 19.60 -20.51
CA ALA B 106 1.29 21.03 -20.43
C ALA B 106 0.05 21.78 -19.97
N GLU B 107 -1.07 21.42 -20.50
CA GLU B 107 -2.27 22.10 -20.13
C GLU B 107 -2.64 21.74 -18.67
N LEU B 108 -2.49 20.48 -18.32
CA LEU B 108 -2.81 20.03 -16.99
C LEU B 108 -1.90 20.69 -16.00
N SER B 109 -0.62 20.77 -16.32
CA SER B 109 0.36 21.44 -15.48
C SER B 109 -0.06 22.88 -15.17
N LYS B 110 -0.52 23.60 -16.18
CA LYS B 110 -0.98 24.95 -16.07
C LYS B 110 -2.24 25.07 -15.27
N LYS B 111 -3.12 24.13 -15.40
CA LYS B 111 -4.35 24.14 -14.65
C LYS B 111 -4.14 23.95 -13.18
N VAL B 112 -3.22 23.11 -12.79
CA VAL B 112 -3.03 22.80 -11.38
C VAL B 112 -1.83 23.38 -10.71
N GLY B 113 -0.93 23.99 -11.46
CA GLY B 113 0.23 24.57 -10.83
C GLY B 113 1.26 23.56 -10.36
N LEU B 114 1.37 22.42 -11.05
CA LEU B 114 2.41 21.43 -10.79
C LEU B 114 3.27 21.36 -12.04
N ALA B 115 4.57 21.57 -11.88
CA ALA B 115 5.49 21.62 -13.01
C ALA B 115 5.38 20.34 -13.84
N GLU B 116 5.49 20.51 -15.17
CA GLU B 116 5.17 19.39 -16.07
C GLU B 116 6.07 18.18 -15.84
N HIS B 117 7.36 18.40 -15.54
CA HIS B 117 8.26 17.28 -15.32
C HIS B 117 7.83 16.44 -14.12
N ARG B 118 7.47 17.11 -13.02
CA ARG B 118 7.06 16.37 -11.83
C ARG B 118 5.66 15.79 -12.00
N LEU B 119 4.76 16.52 -12.69
CA LEU B 119 3.43 16.02 -13.00
C LEU B 119 3.49 14.69 -13.76
N ARG B 120 4.35 14.64 -14.79
CA ARG B 120 4.45 13.40 -15.56
C ARG B 120 4.89 12.24 -14.67
N ARG B 121 5.82 12.47 -13.74
CA ARG B 121 6.27 11.44 -12.81
C ARG B 121 5.13 10.94 -11.94
N ILE B 122 4.38 11.88 -11.37
CA ILE B 122 3.26 11.54 -10.50
C ILE B 122 2.22 10.74 -11.27
N MET B 123 1.84 11.22 -12.46
CA MET B 123 0.82 10.52 -13.24
C MET B 123 1.28 9.12 -13.60
N SER B 124 2.59 8.95 -13.87
CA SER B 124 3.06 7.63 -14.30
C SER B 124 2.83 6.59 -13.22
N MET B 125 3.01 6.96 -11.94
CA MET B 125 2.71 5.99 -10.88
C MET B 125 1.23 5.73 -10.77
N ALA B 126 0.39 6.76 -10.93
CA ALA B 126 -1.05 6.55 -10.89
C ALA B 126 -1.47 5.51 -11.92
N TYR B 127 -0.90 5.60 -13.14
CA TYR B 127 -1.32 4.69 -14.21
C TYR B 127 -1.14 3.23 -13.81
N THR B 128 -0.07 2.91 -13.05
CA THR B 128 0.21 1.53 -12.71
C THR B 128 -0.84 0.92 -11.81
N GLN B 129 -1.63 1.75 -11.12
CA GLN B 129 -2.74 1.24 -10.32
C GLN B 129 -4.08 1.52 -11.00
N HIS B 130 -4.07 1.82 -12.30
CA HIS B 130 -5.29 2.02 -13.09
C HIS B 130 -6.06 3.25 -12.61
N TYR B 131 -5.34 4.24 -12.06
CA TYR B 131 -5.86 5.58 -11.85
C TYR B 131 -5.32 6.43 -13.00
N PHE B 132 -6.22 6.89 -13.87
CA PHE B 132 -5.86 7.60 -15.11
C PHE B 132 -5.09 6.68 -16.07
N CYS B 133 -4.90 7.15 -17.29
CA CYS B 133 -4.13 6.46 -18.31
C CYS B 133 -3.58 7.51 -19.26
N THR B 134 -2.72 7.09 -20.17
CA THR B 134 -2.20 8.02 -21.18
C THR B 134 -2.60 7.49 -22.55
N PRO B 135 -3.64 8.06 -23.18
CA PRO B 135 -4.13 7.49 -24.45
C PRO B 135 -3.25 7.79 -25.65
N LYS B 136 -2.44 8.85 -25.60
CA LYS B 136 -1.49 9.18 -26.65
C LYS B 136 -0.32 9.91 -26.00
N PRO B 137 0.85 9.92 -26.64
CA PRO B 137 2.03 10.55 -26.03
C PRO B 137 1.75 12.00 -25.63
N GLY B 138 2.07 12.32 -24.38
CA GLY B 138 1.89 13.65 -23.87
C GLY B 138 0.50 13.98 -23.37
N PHE B 139 -0.40 12.98 -23.25
CA PHE B 139 -1.79 13.24 -22.88
C PHE B 139 -2.23 12.32 -21.75
N VAL B 140 -3.12 12.85 -20.91
CA VAL B 140 -3.68 12.16 -19.75
C VAL B 140 -5.18 12.01 -19.96
N ALA B 141 -5.74 10.88 -19.53
CA ALA B 141 -7.19 10.71 -19.51
C ALA B 141 -7.59 9.91 -18.27
N HIS B 142 -8.88 9.97 -17.94
CA HIS B 142 -9.38 9.28 -16.76
C HIS B 142 -9.53 7.78 -17.02
N THR B 143 -9.57 7.02 -15.93
CA THR B 143 -10.07 5.65 -15.93
C THR B 143 -11.36 5.61 -15.10
N SER B 144 -11.98 4.43 -15.06
CA SER B 144 -13.11 4.26 -14.16
C SER B 144 -12.73 4.59 -12.73
N ASN B 145 -11.54 4.12 -12.28
CA ASN B 145 -11.16 4.29 -10.87
C ASN B 145 -10.95 5.75 -10.51
N SER B 146 -10.39 6.54 -11.43
CA SER B 146 -10.18 7.95 -11.15
C SER B 146 -11.42 8.79 -11.44
N ALA B 147 -12.26 8.38 -12.41
CA ALA B 147 -13.42 9.19 -12.74
C ALA B 147 -14.45 9.21 -11.62
N MET B 148 -14.48 8.17 -10.77
CA MET B 148 -15.46 8.19 -9.70
C MET B 148 -15.21 9.33 -8.69
N ALA B 149 -13.99 9.88 -8.65
CA ALA B 149 -13.72 10.98 -7.73
C ALA B 149 -14.00 12.36 -8.30
N ILE B 150 -14.37 12.47 -9.58
CA ILE B 150 -14.60 13.78 -10.20
C ILE B 150 -15.75 14.50 -9.49
N GLY B 151 -15.50 15.75 -9.11
CA GLY B 151 -16.53 16.56 -8.49
C GLY B 151 -16.98 16.05 -7.14
N ASP B 152 -16.20 15.16 -6.52
CA ASP B 152 -16.61 14.55 -5.25
C ASP B 152 -15.63 14.94 -4.15
N PRO B 153 -15.94 15.97 -3.35
CA PRO B 153 -15.08 16.26 -2.21
C PRO B 153 -15.07 15.16 -1.16
N LEU B 154 -16.09 14.29 -1.13
CA LEU B 154 -16.07 13.18 -0.17
C LEU B 154 -14.91 12.23 -0.46
N ALA B 155 -14.61 12.01 -1.75
CA ALA B 155 -13.49 11.15 -2.11
C ALA B 155 -12.17 11.78 -1.69
N LEU B 156 -12.02 13.07 -1.95
CA LEU B 156 -10.79 13.75 -1.53
C LEU B 156 -10.66 13.79 -0.01
N ALA B 157 -11.80 13.86 0.70
CA ALA B 157 -11.74 13.85 2.15
C ALA B 157 -11.13 12.55 2.66
N TRP B 158 -11.48 11.43 2.03
CA TRP B 158 -10.98 10.13 2.46
C TRP B 158 -9.48 10.01 2.20
N ILE B 159 -9.02 10.49 1.04
CA ILE B 159 -7.59 10.49 0.75
C ILE B 159 -6.85 11.30 1.79
N LEU B 160 -7.27 12.55 2.01
CA LEU B 160 -6.47 13.44 2.84
C LEU B 160 -6.57 13.09 4.32
N HIS B 161 -7.75 12.66 4.79
CA HIS B 161 -7.87 12.24 6.19
C HIS B 161 -6.88 11.12 6.52
N ASN B 162 -6.74 10.14 5.63
CA ASN B 162 -5.84 9.03 5.91
C ASN B 162 -4.38 9.44 5.80
N ILE B 163 -4.03 10.22 4.77
CA ILE B 163 -2.63 10.49 4.48
C ILE B 163 -2.08 11.63 5.33
N GLU B 164 -2.91 12.61 5.70
CA GLU B 164 -2.43 13.76 6.47
C GLU B 164 -2.76 13.67 7.96
N GLU B 165 -3.57 12.69 8.38
CA GLU B 165 -3.94 12.57 9.78
C GLU B 165 -3.70 11.15 10.29
N VAL B 166 -4.50 10.17 9.85
CA VAL B 166 -4.43 8.84 10.46
C VAL B 166 -3.03 8.27 10.34
N GLN B 167 -2.46 8.28 9.15
CA GLN B 167 -1.17 7.68 8.99
C GLN B 167 -0.03 8.39 9.70
N PRO B 168 0.17 9.67 9.49
CA PRO B 168 1.32 10.30 10.19
C PRO B 168 1.12 10.44 11.69
N TRP B 169 -0.11 10.70 12.15
CA TRP B 169 -0.33 10.94 13.58
C TRP B 169 -0.55 9.68 14.39
N TYR B 170 -1.08 8.61 13.77
CA TYR B 170 -1.55 7.45 14.53
C TYR B 170 -0.93 6.13 14.08
N SER B 171 -1.17 5.70 12.87
CA SER B 171 -0.72 4.41 12.37
C SER B 171 0.80 4.24 12.32
N ASN B 172 1.51 5.31 11.96
CA ASN B 172 2.98 5.18 11.94
C ASN B 172 3.60 5.17 13.35
N LYS B 173 2.85 5.61 14.36
CA LYS B 173 3.24 5.62 15.71
C LYS B 173 2.64 4.51 16.56
N LEU B 174 1.90 3.58 15.98
CA LEU B 174 1.22 2.55 16.76
C LEU B 174 2.19 1.58 17.43
N VAL B 175 3.30 1.24 16.76
CA VAL B 175 4.30 0.42 17.44
C VAL B 175 4.80 1.14 18.70
N ASP B 176 5.13 2.43 18.57
CA ASP B 176 5.59 3.18 19.73
C ASP B 176 4.53 3.28 20.80
N ALA B 177 3.26 3.44 20.40
CA ALA B 177 2.17 3.50 21.39
C ALA B 177 2.04 2.16 22.11
N THR B 178 2.19 1.05 21.37
CA THR B 178 2.13 -0.28 21.98
C THR B 178 3.28 -0.49 22.95
N MET B 179 4.48 -0.02 22.58
CA MET B 179 5.62 -0.21 23.49
C MET B 179 5.51 0.68 24.72
N LYS B 180 4.82 1.81 24.63
CA LYS B 180 4.68 2.69 25.79
C LYS B 180 3.54 2.25 26.70
N TRP B 181 2.37 1.96 26.13
CA TRP B 181 1.19 1.69 26.94
C TRP B 181 0.69 0.25 26.85
N GLY B 182 1.34 -0.60 26.06
CA GLY B 182 0.84 -1.96 25.96
C GLY B 182 -0.44 -1.99 25.15
N ASP B 183 -1.21 -3.07 25.36
CA ASP B 183 -2.46 -3.30 24.63
C ASP B 183 -3.60 -2.55 25.33
N SER B 184 -3.51 -1.22 25.29
CA SER B 184 -4.40 -0.40 26.07
C SER B 184 -5.73 -0.16 25.34
N ILE B 185 -6.80 0.07 26.11
CA ILE B 185 -8.08 0.45 25.52
C ILE B 185 -8.42 1.91 25.86
N ASP B 186 -7.46 2.65 26.38
CA ASP B 186 -7.65 4.07 26.70
C ASP B 186 -7.46 4.91 25.45
N PRO B 187 -8.44 5.73 25.04
CA PRO B 187 -8.27 6.54 23.83
C PRO B 187 -7.17 7.59 23.94
N LYS B 188 -6.73 7.92 25.17
CA LYS B 188 -5.60 8.82 25.31
C LYS B 188 -4.29 8.15 24.95
N HIS B 189 -4.24 6.81 24.93
CA HIS B 189 -2.99 6.11 24.70
C HIS B 189 -2.80 5.85 23.20
N THR B 190 -2.58 6.96 22.49
CA THR B 190 -2.46 6.98 21.05
C THR B 190 -1.28 7.87 20.67
N GLY B 191 -0.82 7.72 19.43
CA GLY B 191 0.35 8.41 18.89
C GLY B 191 0.62 9.85 19.30
N PRO B 192 -0.38 10.73 19.20
CA PRO B 192 -0.13 12.16 19.54
C PRO B 192 0.29 12.39 20.98
N ASN B 193 0.09 11.42 21.87
CA ASN B 193 0.31 11.62 23.30
C ASN B 193 1.55 10.91 23.82
N LEU B 194 2.45 10.46 22.92
CA LEU B 194 3.63 9.74 23.34
C LEU B 194 4.50 10.58 24.28
N ASN B 195 4.49 11.90 24.16
CA ASN B 195 5.28 12.76 25.03
C ASN B 195 4.42 13.76 25.81
N ALA B 196 3.12 13.51 25.90
CA ALA B 196 2.21 14.41 26.60
C ALA B 196 2.34 14.23 28.12
N LYS B 197 2.24 15.34 28.84
CA LYS B 197 2.21 15.28 30.29
C LYS B 197 0.88 14.70 30.75
N PRO B 198 0.85 14.01 31.89
CA PRO B 198 -0.40 13.43 32.38
C PRO B 198 -1.50 14.48 32.50
N GLY B 199 -2.70 14.13 32.01
CA GLY B 199 -3.82 15.03 32.02
C GLY B 199 -3.87 15.99 30.87
N GLU B 200 -2.80 16.10 30.08
CA GLU B 200 -2.79 16.98 28.93
C GLU B 200 -2.89 16.22 27.62
N GLU B 201 -3.25 14.93 27.69
CA GLU B 201 -3.41 14.14 26.49
C GLU B 201 -4.57 14.67 25.66
N LYS B 202 -4.44 14.59 24.34
CA LYS B 202 -5.37 15.01 23.30
C LYS B 202 -6.12 13.82 22.74
N LEU B 203 -7.45 13.75 22.81
CA LEU B 203 -8.20 12.69 22.15
C LEU B 203 -8.31 13.01 20.66
N PHE B 204 -8.47 11.95 19.86
CA PHE B 204 -8.68 12.12 18.42
C PHE B 204 -9.86 13.05 18.14
N TYR B 205 -11.00 12.80 18.78
CA TYR B 205 -12.16 13.62 18.50
C TYR B 205 -12.03 15.02 19.08
N GLU B 206 -11.16 15.22 20.08
CA GLU B 206 -10.85 16.57 20.54
C GLU B 206 -10.06 17.34 19.49
N ILE B 207 -9.03 16.71 18.94
CA ILE B 207 -8.26 17.36 17.88
C ILE B 207 -9.17 17.67 16.70
N MET B 208 -10.01 16.71 16.31
CA MET B 208 -10.89 16.91 15.15
C MET B 208 -11.80 18.12 15.36
N GLU B 209 -12.43 18.23 16.54
CA GLU B 209 -13.43 19.27 16.70
C GLU B 209 -12.85 20.61 17.12
N GLU B 210 -11.61 20.65 17.61
CA GLU B 210 -11.04 21.89 18.15
C GLU B 210 -10.11 22.62 17.19
N ASP B 211 -9.34 21.93 16.35
CA ASP B 211 -8.40 22.61 15.48
C ASP B 211 -9.12 23.61 14.58
N ASP B 212 -8.64 24.87 14.59
CA ASP B 212 -9.24 25.93 13.79
C ASP B 212 -8.29 26.46 12.72
N GLN B 213 -7.14 25.83 12.54
CA GLN B 213 -6.15 26.31 11.56
C GLN B 213 -6.33 25.56 10.24
N GLY B 214 -7.40 25.90 9.54
CA GLY B 214 -7.66 25.30 8.25
C GLY B 214 -9.14 25.42 7.92
N GLU B 215 -9.51 24.82 6.79
CA GLU B 215 -10.85 24.92 6.26
C GLU B 215 -11.11 23.71 5.36
N TRP B 216 -12.35 23.23 5.36
CA TRP B 216 -12.68 22.12 4.45
C TRP B 216 -14.11 22.22 3.96
N ASN B 217 -14.29 22.20 2.64
CA ASN B 217 -15.58 21.95 2.00
C ASN B 217 -16.71 22.69 2.69
N GLY B 218 -16.53 24.00 2.86
CA GLY B 218 -17.57 24.86 3.37
C GLY B 218 -17.51 25.18 4.86
N VAL B 219 -16.61 24.54 5.61
CA VAL B 219 -16.42 24.83 7.02
C VAL B 219 -15.04 25.43 7.17
N LYS B 220 -14.98 26.66 7.67
CA LYS B 220 -13.71 27.35 7.89
C LYS B 220 -13.45 27.47 9.37
N GLY B 221 -12.22 27.18 9.78
CA GLY B 221 -11.85 27.35 11.17
C GLY B 221 -12.20 26.16 12.05
N LYS B 222 -12.71 26.45 13.25
CA LYS B 222 -12.91 25.42 14.27
C LYS B 222 -13.70 24.23 13.75
N GLY B 223 -13.10 23.04 13.88
CA GLY B 223 -13.76 21.80 13.53
C GLY B 223 -13.70 21.41 12.06
N PHE B 224 -12.90 22.08 11.23
CA PHE B 224 -12.82 21.71 9.83
C PHE B 224 -12.37 20.27 9.64
N ARG B 225 -11.50 19.76 10.52
CA ARG B 225 -11.09 18.35 10.42
C ARG B 225 -12.24 17.42 10.75
N LEU B 226 -13.04 17.78 11.76
CA LEU B 226 -14.21 16.94 12.06
C LEU B 226 -15.20 16.95 10.92
N TRP B 227 -15.39 18.11 10.28
CA TRP B 227 -16.24 18.22 9.09
C TRP B 227 -15.73 17.30 7.98
N ARG B 228 -14.41 17.31 7.76
CA ARG B 228 -13.85 16.41 6.75
C ARG B 228 -14.06 14.96 7.14
N LEU B 229 -13.89 14.63 8.43
CA LEU B 229 -14.16 13.27 8.87
C LEU B 229 -15.62 12.89 8.60
N TYR B 230 -16.55 13.81 8.85
CA TYR B 230 -17.95 13.53 8.53
C TYR B 230 -18.13 13.33 7.02
N ASP B 231 -17.35 14.05 6.19
CA ASP B 231 -17.39 13.79 4.75
C ASP B 231 -16.94 12.36 4.42
N THR B 232 -15.90 11.85 5.11
CA THR B 232 -15.46 10.47 4.86
C THR B 232 -16.53 9.46 5.29
N ASP B 233 -17.24 9.75 6.37
CA ASP B 233 -18.36 8.89 6.75
C ASP B 233 -19.42 8.84 5.65
N LYS B 234 -19.77 10.00 5.09
CA LYS B 234 -20.71 10.04 3.97
C LYS B 234 -20.16 9.29 2.76
N PHE B 235 -18.86 9.39 2.53
CA PHE B 235 -18.25 8.73 1.37
C PHE B 235 -18.49 7.23 1.40
N PHE B 236 -18.49 6.62 2.59
CA PHE B 236 -18.74 5.18 2.63
C PHE B 236 -20.22 4.83 2.54
N GLY B 237 -21.10 5.82 2.65
CA GLY B 237 -22.53 5.60 2.49
C GLY B 237 -23.05 5.78 1.07
N THR B 238 -22.35 6.52 0.23
CA THR B 238 -22.81 6.86 -1.12
C THR B 238 -22.55 5.78 -2.16
N GLY B 239 -21.65 4.83 -1.88
CA GLY B 239 -21.31 3.83 -2.89
C GLY B 239 -20.36 2.80 -2.33
N GLY B 240 -20.30 1.66 -3.02
CA GLY B 240 -19.36 0.61 -2.65
C GLY B 240 -19.90 -0.31 -1.56
N ALA B 241 -18.96 -0.97 -0.88
CA ALA B 241 -19.28 -2.13 -0.06
C ALA B 241 -20.27 -1.80 1.06
N ILE B 242 -20.12 -0.66 1.70
CA ILE B 242 -20.90 -0.35 2.90
C ILE B 242 -22.00 0.67 2.62
N LYS B 243 -22.40 0.84 1.36
CA LYS B 243 -23.30 1.93 1.01
C LYS B 243 -24.65 1.82 1.72
N GLY B 244 -25.27 2.99 1.94
CA GLY B 244 -26.44 3.08 2.80
C GLY B 244 -27.63 2.29 2.28
N THR B 245 -27.80 2.25 0.96
CA THR B 245 -28.94 1.52 0.41
C THR B 245 -28.89 0.04 0.74
N ASN B 246 -27.72 -0.51 1.09
CA ASN B 246 -27.67 -1.90 1.54
C ASN B 246 -28.42 -2.11 2.85
N LEU B 247 -28.59 -1.07 3.67
CA LEU B 247 -29.44 -1.18 4.85
C LEU B 247 -30.86 -1.59 4.50
N LEU B 248 -31.34 -1.19 3.31
CA LEU B 248 -32.74 -1.42 2.99
C LEU B 248 -33.06 -2.90 2.78
N ARG B 249 -32.08 -3.69 2.36
CA ARG B 249 -32.26 -5.12 2.18
C ARG B 249 -31.96 -5.93 3.43
N ALA B 250 -31.38 -5.31 4.45
CA ALA B 250 -30.93 -6.05 5.62
C ALA B 250 -31.92 -6.02 6.77
N PHE B 251 -33.00 -5.25 6.66
CA PHE B 251 -34.04 -5.16 7.67
C PHE B 251 -35.32 -4.69 7.00
N ASP B 252 -36.45 -5.13 7.54
CA ASP B 252 -37.76 -4.80 6.98
C ASP B 252 -38.21 -3.44 7.52
N TRP B 253 -37.64 -2.38 6.95
CA TRP B 253 -38.00 -1.02 7.39
C TRP B 253 -39.46 -0.69 7.08
N GLY B 254 -39.97 -1.17 5.94
CA GLY B 254 -41.36 -0.93 5.59
C GLY B 254 -42.32 -1.60 6.56
N GLY B 255 -41.92 -2.72 7.14
CA GLY B 255 -42.73 -3.40 8.12
C GLY B 255 -42.93 -2.64 9.41
N LEU B 256 -42.16 -1.57 9.62
CA LEU B 256 -42.38 -0.79 10.84
C LEU B 256 -43.63 0.07 10.74
N GLY B 257 -44.16 0.31 9.54
CA GLY B 257 -45.29 1.21 9.40
C GLY B 257 -44.88 2.62 9.80
N LYS B 258 -45.86 3.36 10.32
CA LYS B 258 -45.62 4.71 10.83
C LYS B 258 -44.90 4.60 12.16
N ALA B 259 -43.65 5.07 12.21
CA ALA B 259 -42.80 4.75 13.33
C ALA B 259 -41.68 5.78 13.42
N THR B 260 -41.05 5.83 14.58
CA THR B 260 -39.92 6.72 14.86
C THR B 260 -38.67 5.89 15.08
N VAL B 261 -37.59 6.30 14.42
CA VAL B 261 -36.27 5.70 14.61
C VAL B 261 -35.37 6.75 15.25
N VAL B 262 -34.77 6.41 16.39
CA VAL B 262 -33.83 7.27 17.07
C VAL B 262 -32.42 6.85 16.64
N ASP B 263 -31.73 7.74 15.93
CA ASP B 263 -30.45 7.47 15.28
C ASP B 263 -29.33 8.02 16.17
N ILE B 264 -28.85 7.21 17.12
CA ILE B 264 -27.88 7.65 18.12
C ILE B 264 -26.49 7.71 17.50
N GLY B 265 -25.84 8.87 17.62
CA GLY B 265 -24.55 9.05 16.98
C GLY B 265 -24.64 8.99 15.47
N GLY B 266 -25.70 9.56 14.93
CA GLY B 266 -25.96 9.60 13.51
C GLY B 266 -25.21 10.54 12.58
N ILE B 267 -24.08 11.06 13.02
CA ILE B 267 -23.24 11.94 12.22
C ILE B 267 -24.04 13.16 11.77
N THR B 268 -24.29 13.32 10.48
CA THR B 268 -25.06 14.44 10.02
C THR B 268 -26.39 14.02 9.43
N GLY B 269 -26.83 12.81 9.74
CA GLY B 269 -28.09 12.31 9.28
C GLY B 269 -28.20 11.78 7.87
N HIS B 270 -27.09 11.59 7.21
CA HIS B 270 -27.12 11.14 5.82
C HIS B 270 -27.66 9.71 5.71
N LEU B 271 -27.22 8.82 6.59
CA LEU B 271 -27.74 7.47 6.59
C LEU B 271 -29.23 7.46 6.95
N ALA B 272 -29.61 8.27 7.94
CA ALA B 272 -31.03 8.41 8.28
C ALA B 272 -31.83 8.86 7.06
N SER B 273 -31.28 9.80 6.28
CA SER B 273 -31.99 10.29 5.10
C SER B 273 -32.14 9.21 4.04
N THR B 274 -31.11 8.37 3.86
CA THR B 274 -31.21 7.29 2.88
C THR B 274 -32.37 6.35 3.21
N VAL B 275 -32.50 5.97 4.48
CA VAL B 275 -33.60 5.08 4.82
C VAL B 275 -34.94 5.81 4.78
N ALA B 276 -34.98 7.08 5.22
CA ALA B 276 -36.24 7.81 5.23
C ALA B 276 -36.75 8.06 3.82
N LEU B 277 -35.85 8.31 2.86
CA LEU B 277 -36.28 8.55 1.48
C LEU B 277 -37.00 7.34 0.91
N ALA B 278 -36.54 6.15 1.25
CA ALA B 278 -37.14 4.92 0.75
C ALA B 278 -38.35 4.47 1.54
N ASN B 279 -38.59 5.06 2.73
CA ASN B 279 -39.65 4.60 3.62
C ASN B 279 -40.44 5.82 4.09
N PRO B 280 -41.48 6.21 3.36
CA PRO B 280 -42.13 7.50 3.63
C PRO B 280 -42.84 7.60 4.99
N ASP B 281 -43.08 6.48 5.65
CA ASP B 281 -43.82 6.53 6.93
C ASP B 281 -42.90 6.66 8.14
N LEU B 282 -41.59 6.76 7.93
CA LEU B 282 -40.62 6.76 9.01
C LEU B 282 -40.23 8.19 9.37
N THR B 283 -40.10 8.42 10.67
CA THR B 283 -39.56 9.64 11.26
C THR B 283 -38.22 9.29 11.88
N PHE B 284 -37.19 10.11 11.62
CA PHE B 284 -35.87 9.88 12.19
C PHE B 284 -35.48 11.04 13.09
N ILE B 285 -34.99 10.74 14.28
CA ILE B 285 -34.38 11.75 15.14
C ILE B 285 -32.89 11.44 15.21
N VAL B 286 -32.11 12.32 14.60
CA VAL B 286 -30.66 12.16 14.54
C VAL B 286 -30.06 12.82 15.77
N GLN B 287 -29.47 12.00 16.64
CA GLN B 287 -28.88 12.48 17.89
C GLN B 287 -27.37 12.53 17.74
N GLU B 288 -26.79 13.71 17.96
CA GLU B 288 -25.35 13.87 17.78
C GLU B 288 -24.91 15.08 18.59
N ARG B 289 -23.62 15.09 18.91
CA ARG B 289 -23.00 16.20 19.62
C ARG B 289 -22.97 17.43 18.72
N ASN B 290 -23.41 18.55 19.26
CA ASN B 290 -23.49 19.77 18.46
C ASN B 290 -22.12 20.37 18.22
N GLN B 291 -22.02 21.17 17.16
CA GLN B 291 -20.84 21.91 16.77
C GLN B 291 -21.31 23.26 16.27
N PRO B 292 -20.43 24.27 16.28
CA PRO B 292 -20.88 25.61 15.84
C PRO B 292 -21.42 25.64 14.41
N TRP B 293 -20.91 24.80 13.51
CA TRP B 293 -21.36 24.75 12.13
C TRP B 293 -22.37 23.64 11.86
N TYR B 294 -22.74 22.85 12.87
CA TYR B 294 -23.48 21.62 12.62
C TYR B 294 -24.88 21.90 12.06
N GLU B 295 -25.66 22.72 12.75
CA GLU B 295 -27.06 22.88 12.36
C GLU B 295 -27.18 23.53 10.98
N LYS B 296 -26.32 24.50 10.68
CA LYS B 296 -26.28 25.09 9.35
C LYS B 296 -26.05 24.02 8.28
N GLN B 297 -25.03 23.16 8.47
CA GLN B 297 -24.74 22.14 7.48
C GLN B 297 -25.81 21.04 7.47
N PHE B 298 -26.32 20.68 8.64
CA PHE B 298 -27.37 19.65 8.68
C PHE B 298 -28.55 20.04 7.80
N TYR B 299 -29.00 21.29 7.89
CA TYR B 299 -30.20 21.68 7.15
C TYR B 299 -29.92 21.99 5.68
N GLU B 300 -28.72 22.44 5.37
CA GLU B 300 -28.37 22.66 3.99
C GLU B 300 -28.36 21.35 3.22
N GLN B 301 -27.85 20.31 3.81
CA GLN B 301 -27.73 19.01 3.22
C GLN B 301 -29.02 18.19 3.15
N LEU B 302 -29.92 18.45 4.05
CA LEU B 302 -31.15 17.69 4.17
C LEU B 302 -32.05 17.83 2.95
N PRO B 303 -32.41 16.74 2.31
CA PRO B 303 -33.30 16.80 1.16
C PRO B 303 -34.64 17.33 1.54
N ALA B 304 -35.08 18.31 0.80
CA ALA B 304 -36.39 18.91 1.07
C ALA B 304 -37.51 17.92 0.85
N GLU B 305 -37.30 16.93 -0.02
CA GLU B 305 -38.29 15.87 -0.27
C GLU B 305 -38.76 15.21 1.02
N LEU B 306 -37.91 15.21 2.05
CA LEU B 306 -38.23 14.53 3.31
C LEU B 306 -39.33 15.24 4.09
N ASN B 307 -39.57 16.52 3.83
CA ASN B 307 -40.65 17.28 4.50
C ASN B 307 -40.51 17.26 6.02
N GLY B 308 -39.27 17.33 6.52
CA GLY B 308 -39.00 17.43 7.95
C GLY B 308 -39.03 16.12 8.73
N ARG B 309 -39.19 14.97 8.06
CA ARG B 309 -39.24 13.69 8.76
C ARG B 309 -37.91 13.31 9.43
N VAL B 310 -36.81 13.93 9.01
CA VAL B 310 -35.50 13.73 9.62
C VAL B 310 -35.13 15.01 10.36
N SER B 311 -34.95 14.95 11.68
CA SER B 311 -34.64 16.11 12.49
C SER B 311 -33.41 15.84 13.34
N TYR B 312 -32.84 16.93 13.88
CA TYR B 312 -31.64 16.87 14.69
C TYR B 312 -31.95 17.20 16.14
N MET B 313 -31.47 16.35 17.05
CA MET B 313 -31.62 16.55 18.49
C MET B 313 -30.24 16.44 19.12
N PRO B 314 -29.67 17.54 19.64
CA PRO B 314 -28.40 17.43 20.36
C PRO B 314 -28.52 16.45 21.50
N HIS B 315 -27.49 15.63 21.69
CA HIS B 315 -27.56 14.53 22.65
C HIS B 315 -26.18 13.96 22.92
N ASP B 316 -25.91 13.69 24.19
CA ASP B 316 -24.75 12.93 24.65
C ASP B 316 -25.14 11.46 24.72
N LYS B 317 -24.46 10.63 23.92
CA LYS B 317 -24.83 9.22 23.83
C LYS B 317 -24.69 8.49 25.16
N TYR B 318 -23.91 9.04 26.10
CA TYR B 318 -23.77 8.42 27.41
C TYR B 318 -24.83 8.89 28.41
N ALA B 319 -25.64 9.88 28.07
CA ALA B 319 -26.64 10.44 28.98
C ALA B 319 -27.99 9.74 28.83
N GLU B 320 -28.90 10.09 29.73
CA GLU B 320 -30.26 9.56 29.68
C GLU B 320 -30.89 9.83 28.33
N GLN B 321 -31.60 8.84 27.81
CA GLN B 321 -32.26 8.86 26.52
C GLN B 321 -33.58 9.64 26.62
N PRO B 322 -33.73 10.83 26.05
CA PRO B 322 -34.98 11.59 26.27
C PRO B 322 -36.16 11.14 25.42
N VAL B 323 -35.95 10.31 24.39
CA VAL B 323 -37.13 9.89 23.65
C VAL B 323 -37.47 8.47 24.10
N LYS B 324 -38.66 8.40 24.69
CA LYS B 324 -39.14 7.19 25.34
C LYS B 324 -40.08 6.41 24.43
N GLY B 325 -39.90 5.09 24.41
CA GLY B 325 -40.80 4.20 23.72
C GLY B 325 -40.77 4.27 22.20
N ALA B 326 -39.65 4.69 21.62
CA ALA B 326 -39.55 4.73 20.16
C ALA B 326 -39.56 3.32 19.59
N ASP B 327 -39.98 3.22 18.32
CA ASP B 327 -40.03 1.90 17.67
C ASP B 327 -38.62 1.31 17.52
N VAL B 328 -37.65 2.13 17.13
CA VAL B 328 -36.29 1.66 16.89
C VAL B 328 -35.31 2.64 17.52
N TYR B 329 -34.32 2.11 18.25
CA TYR B 329 -33.11 2.84 18.61
C TYR B 329 -31.98 2.26 17.77
N PHE B 330 -31.34 3.09 16.97
CA PHE B 330 -30.44 2.65 15.90
C PHE B 330 -29.06 3.24 16.11
N MET B 331 -28.04 2.40 15.99
CA MET B 331 -26.65 2.85 16.10
C MET B 331 -25.84 2.21 14.99
N SER B 332 -25.36 3.03 14.06
CA SER B 332 -24.54 2.55 12.96
C SER B 332 -23.07 2.88 13.20
N THR B 333 -22.25 1.83 13.31
CA THR B 333 -20.79 1.89 13.55
C THR B 333 -20.45 2.89 14.66
N VAL B 334 -21.22 2.81 15.74
CA VAL B 334 -20.94 3.55 16.98
C VAL B 334 -20.15 2.69 17.94
N LEU B 335 -20.63 1.46 18.17
CA LEU B 335 -20.13 0.67 19.28
C LEU B 335 -18.73 0.10 19.05
N HIS B 336 -18.26 0.02 17.81
CA HIS B 336 -16.91 -0.49 17.61
C HIS B 336 -15.84 0.52 18.04
N LYS B 337 -16.22 1.72 18.43
CA LYS B 337 -15.29 2.67 19.04
C LYS B 337 -15.48 2.74 20.56
N GLU B 338 -16.28 1.85 21.13
CA GLU B 338 -16.60 1.88 22.55
C GLU B 338 -16.08 0.62 23.23
N PRO B 339 -15.18 0.73 24.19
CA PRO B 339 -14.81 -0.44 24.99
C PRO B 339 -16.05 -0.94 25.73
N ASP B 340 -15.95 -2.17 26.26
CA ASP B 340 -17.11 -2.84 26.84
C ASP B 340 -17.86 -1.97 27.84
N ASP B 341 -17.12 -1.35 28.78
CA ASP B 341 -17.78 -0.60 29.85
C ASP B 341 -18.55 0.60 29.31
N LYS B 342 -17.98 1.29 28.32
CA LYS B 342 -18.69 2.44 27.74
C LYS B 342 -19.83 1.98 26.85
N ALA B 343 -19.63 0.91 26.08
CA ALA B 343 -20.71 0.36 25.29
C ALA B 343 -21.88 -0.05 26.17
N ILE B 344 -21.59 -0.65 27.34
CA ILE B 344 -22.66 -1.07 28.24
C ILE B 344 -23.40 0.14 28.79
N THR B 345 -22.68 1.23 29.07
CA THR B 345 -23.34 2.47 29.49
C THR B 345 -24.36 2.94 28.46
N ILE B 346 -23.95 3.00 27.18
CA ILE B 346 -24.84 3.43 26.11
C ILE B 346 -26.04 2.49 25.99
N LEU B 347 -25.79 1.19 26.00
CA LEU B 347 -26.87 0.22 25.82
C LEU B 347 -27.88 0.29 26.96
N ARG B 348 -27.41 0.51 28.19
CA ARG B 348 -28.33 0.59 29.31
C ARG B 348 -29.15 1.88 29.26
N ARG B 349 -28.58 2.97 28.73
CA ARG B 349 -29.38 4.16 28.47
C ARG B 349 -30.48 3.86 27.47
N CYS B 350 -30.17 3.08 26.44
CA CYS B 350 -31.22 2.69 25.48
C CYS B 350 -32.28 1.84 26.16
N VAL B 351 -31.87 0.87 26.99
CA VAL B 351 -32.80 -0.03 27.65
C VAL B 351 -33.82 0.76 28.45
N GLU B 352 -33.32 1.74 29.22
CA GLU B 352 -34.22 2.48 30.12
C GLU B 352 -35.30 3.20 29.33
N ALA B 353 -34.99 3.65 28.11
CA ALA B 353 -35.97 4.36 27.30
C ALA B 353 -36.87 3.42 26.50
N MET B 354 -36.45 2.18 26.27
CA MET B 354 -37.20 1.25 25.46
C MET B 354 -38.45 0.75 26.19
N ASP B 355 -39.51 0.53 25.43
CA ASP B 355 -40.62 -0.31 25.86
C ASP B 355 -40.32 -1.73 25.43
N PRO B 356 -40.06 -2.66 26.35
CA PRO B 356 -39.57 -3.98 25.96
C PRO B 356 -40.49 -4.72 25.02
N ASN B 357 -41.78 -4.41 25.02
CA ASN B 357 -42.72 -5.12 24.18
C ASN B 357 -42.99 -4.42 22.86
N LYS B 358 -42.39 -3.26 22.64
CA LYS B 358 -42.63 -2.50 21.42
C LYS B 358 -41.36 -1.97 20.75
N SER B 359 -40.27 -1.77 21.49
CA SER B 359 -39.06 -1.18 20.95
C SER B 359 -38.07 -2.25 20.50
N ARG B 360 -37.35 -1.96 19.43
CA ARG B 360 -36.18 -2.74 19.03
C ARG B 360 -34.95 -1.85 19.11
N LEU B 361 -33.79 -2.48 19.28
CA LEU B 361 -32.51 -1.82 19.16
C LEU B 361 -31.79 -2.41 17.95
N LEU B 362 -31.52 -1.59 16.94
CA LEU B 362 -30.81 -2.04 15.73
C LEU B 362 -29.41 -1.47 15.72
N THR B 363 -28.40 -2.32 15.44
CA THR B 363 -27.04 -1.84 15.29
C THR B 363 -26.49 -2.33 13.95
N ARG B 364 -25.68 -1.48 13.31
CA ARG B 364 -24.90 -1.85 12.14
C ARG B 364 -23.43 -1.80 12.56
N ASP B 365 -22.77 -2.96 12.50
CA ASP B 365 -21.37 -3.03 12.87
C ASP B 365 -20.78 -4.26 12.19
N ILE B 366 -19.45 -4.28 12.15
CA ILE B 366 -18.74 -5.44 11.67
C ILE B 366 -18.99 -6.61 12.61
N VAL B 367 -19.31 -7.76 12.04
CA VAL B 367 -19.29 -9.04 12.75
C VAL B 367 -18.10 -9.80 12.17
N MET B 368 -17.03 -9.92 12.95
CA MET B 368 -15.75 -10.33 12.38
C MET B 368 -15.83 -11.70 11.71
N ASP B 369 -16.64 -12.61 12.24
CA ASP B 369 -16.80 -13.93 11.64
C ASP B 369 -17.99 -14.02 10.70
N GLY B 370 -18.69 -12.90 10.46
CA GLY B 370 -19.69 -12.86 9.41
C GLY B 370 -21.12 -13.05 9.86
N GLY B 371 -22.03 -12.27 9.28
CA GLY B 371 -23.44 -12.42 9.53
C GLY B 371 -24.11 -13.34 8.53
N ASP B 372 -25.42 -13.35 8.53
CA ASP B 372 -26.22 -14.16 7.67
C ASP B 372 -26.72 -13.38 6.47
N PRO B 373 -26.98 -14.06 5.35
CA PRO B 373 -27.45 -13.38 4.17
C PRO B 373 -28.88 -12.98 4.31
N PRO B 374 -29.28 -12.00 3.54
CA PRO B 374 -30.67 -11.60 3.53
C PRO B 374 -31.59 -12.67 2.98
N ALA B 375 -32.82 -12.56 3.41
CA ALA B 375 -33.94 -13.40 3.06
C ALA B 375 -34.07 -13.56 1.58
N GLU B 376 -34.12 -12.45 0.89
CA GLU B 376 -34.20 -12.39 -0.56
C GLU B 376 -33.23 -13.20 -1.38
N ASP B 377 -32.04 -13.42 -0.87
CA ASP B 377 -31.04 -14.21 -1.54
C ASP B 377 -31.56 -15.59 -1.87
N ALA B 378 -32.24 -16.22 -0.94
CA ALA B 378 -32.72 -17.56 -1.18
C ALA B 378 -33.89 -17.57 -2.18
N VAL B 379 -34.65 -16.51 -2.15
CA VAL B 379 -35.78 -16.33 -3.01
C VAL B 379 -35.33 -16.07 -4.44
N ILE B 380 -34.43 -15.10 -4.59
CA ILE B 380 -33.94 -14.74 -5.89
C ILE B 380 -33.15 -15.87 -6.51
N ASN B 381 -32.40 -16.63 -5.71
CA ASN B 381 -31.64 -17.75 -6.21
C ASN B 381 -32.52 -18.91 -6.67
N ALA B 384 -31.65 -22.64 -8.26
CA ALA B 384 -30.23 -22.98 -8.26
C ALA B 384 -29.84 -23.73 -6.97
N ILE B 385 -28.91 -24.67 -7.09
CA ILE B 385 -28.47 -25.50 -5.97
C ILE B 385 -26.96 -25.34 -5.80
N ASN B 386 -26.57 -24.58 -4.77
CA ASN B 386 -25.17 -24.33 -4.42
C ASN B 386 -24.65 -25.36 -3.41
N SER B 387 -23.35 -25.65 -3.49
CA SER B 387 -22.66 -26.53 -2.55
C SER B 387 -21.50 -25.74 -1.95
N LYS B 388 -21.23 -25.95 -0.66
CA LYS B 388 -20.16 -25.25 0.03
C LYS B 388 -18.89 -26.09 0.15
N GLU B 389 -17.75 -25.44 -0.04
CA GLU B 389 -16.41 -26.02 0.05
C GLU B 389 -15.56 -25.15 0.97
N GLY B 390 -14.83 -25.79 1.87
CA GLY B 390 -13.95 -25.10 2.81
C GLY B 390 -14.73 -24.52 3.98
N SER B 391 -14.00 -23.86 4.87
CA SER B 391 -14.62 -23.47 6.14
C SER B 391 -15.23 -22.09 6.14
N TYR B 392 -15.09 -21.29 5.08
CA TYR B 392 -15.49 -19.89 5.15
C TYR B 392 -16.41 -19.49 4.00
N GLU B 393 -17.36 -18.62 4.30
CA GLU B 393 -18.15 -17.99 3.25
C GLU B 393 -17.25 -17.11 2.38
N ALA B 394 -17.67 -16.94 1.14
CA ALA B 394 -16.87 -16.19 0.18
C ALA B 394 -16.61 -14.78 0.71
N GLY B 395 -15.35 -14.36 0.64
CA GLY B 395 -14.94 -13.10 1.18
C GLY B 395 -14.34 -13.17 2.56
N LEU B 396 -14.61 -14.25 3.32
CA LEU B 396 -14.09 -14.40 4.68
C LEU B 396 -12.94 -15.41 4.69
N GLY B 397 -12.48 -15.79 5.88
CA GLY B 397 -11.31 -16.63 5.99
C GLY B 397 -10.05 -15.80 5.98
N PRO B 398 -8.90 -16.43 6.25
CA PRO B 398 -7.65 -15.66 6.50
C PRO B 398 -7.16 -14.80 5.34
N THR B 399 -7.50 -15.11 4.09
CA THR B 399 -7.09 -14.28 2.96
C THR B 399 -8.29 -13.67 2.23
N GLY B 400 -9.47 -13.69 2.87
CA GLY B 400 -10.65 -13.12 2.25
C GLY B 400 -10.57 -11.61 2.15
N VAL B 401 -11.15 -11.06 1.09
CA VAL B 401 -11.07 -9.61 0.91
C VAL B 401 -12.05 -8.88 1.82
N ILE B 402 -13.13 -9.52 2.27
CA ILE B 402 -13.96 -8.90 3.29
C ILE B 402 -13.28 -9.00 4.66
N THR B 403 -12.59 -10.08 4.91
CA THR B 403 -11.78 -10.19 6.09
C THR B 403 -10.74 -9.03 6.11
N ARG B 404 -10.10 -8.83 4.96
CA ARG B 404 -9.12 -7.77 4.81
C ARG B 404 -9.74 -6.43 5.17
N LEU B 405 -10.93 -6.18 4.63
CA LEU B 405 -11.64 -4.94 4.89
C LEU B 405 -11.92 -4.82 6.39
N ASN B 406 -12.54 -5.85 6.95
CA ASN B 406 -12.85 -5.88 8.38
C ASN B 406 -11.64 -5.49 9.21
N ILE B 407 -10.48 -6.06 8.86
CA ILE B 407 -9.26 -5.80 9.62
C ILE B 407 -8.78 -4.38 9.38
N GLY B 408 -8.90 -3.89 8.16
CA GLY B 408 -8.54 -2.49 7.91
C GLY B 408 -9.32 -1.53 8.78
N ILE B 409 -10.62 -1.78 8.94
CA ILE B 409 -11.45 -0.95 9.80
C ILE B 409 -11.10 -1.17 11.26
N ASP B 410 -10.86 -2.42 11.65
CA ASP B 410 -10.36 -2.75 12.98
C ASP B 410 -9.12 -1.93 13.31
N PHE B 411 -8.17 -1.86 12.36
CA PHE B 411 -6.93 -1.11 12.60
C PHE B 411 -7.17 0.40 12.58
N GLN B 412 -8.14 0.86 11.79
CA GLN B 412 -8.44 2.29 11.76
C GLN B 412 -8.90 2.77 13.13
N VAL B 413 -9.81 2.01 13.76
CA VAL B 413 -10.30 2.43 15.07
C VAL B 413 -9.29 2.09 16.16
N LEU B 414 -8.51 1.02 15.98
CA LEU B 414 -7.40 0.79 16.90
C LEU B 414 -6.47 1.98 16.90
N ALA B 415 -6.15 2.49 15.72
CA ALA B 415 -5.16 3.56 15.63
C ALA B 415 -5.64 4.84 16.32
N VAL B 416 -6.90 5.23 16.09
CA VAL B 416 -7.29 6.57 16.54
C VAL B 416 -7.87 6.55 17.96
N VAL B 417 -8.51 5.45 18.40
CA VAL B 417 -9.16 5.46 19.72
C VAL B 417 -8.96 4.16 20.49
N ASN B 418 -8.08 3.28 20.01
CA ASN B 418 -7.89 1.94 20.58
C ASN B 418 -9.18 1.13 20.59
N GLY B 419 -10.04 1.37 19.59
CA GLY B 419 -11.25 0.57 19.41
C GLY B 419 -10.92 -0.80 18.83
N PHE B 420 -11.96 -1.60 18.61
CA PHE B 420 -11.76 -2.96 18.11
C PHE B 420 -13.08 -3.51 17.60
N GLU B 421 -12.98 -4.41 16.63
CA GLU B 421 -14.14 -5.12 16.09
C GLU B 421 -14.37 -6.42 16.86
N ARG B 422 -15.61 -6.90 16.80
CA ARG B 422 -16.06 -8.01 17.61
C ARG B 422 -16.65 -9.10 16.73
N THR B 423 -16.55 -10.33 17.21
CA THR B 423 -17.22 -11.52 16.69
C THR B 423 -18.71 -11.47 17.06
N ARG B 424 -19.49 -12.33 16.42
CA ARG B 424 -20.90 -12.45 16.79
C ARG B 424 -21.05 -12.85 18.25
N GLU B 425 -20.27 -13.84 18.69
CA GLU B 425 -20.30 -14.25 20.09
C GLU B 425 -19.98 -13.09 21.04
N GLU B 426 -19.00 -12.26 20.68
CA GLU B 426 -18.63 -11.15 21.54
C GLU B 426 -19.74 -10.10 21.60
N TRP B 427 -20.46 -9.89 20.49
CA TRP B 427 -21.59 -8.98 20.51
C TRP B 427 -22.69 -9.48 21.44
N VAL B 428 -23.05 -10.76 21.33
CA VAL B 428 -24.09 -11.34 22.19
C VAL B 428 -23.70 -11.23 23.66
N THR B 429 -22.45 -11.58 23.97
CA THR B 429 -21.97 -11.51 25.35
C THR B 429 -22.05 -10.09 25.89
N LEU B 430 -21.66 -9.12 25.06
CA LEU B 430 -21.69 -7.73 25.47
C LEU B 430 -23.12 -7.27 25.74
N PHE B 431 -24.04 -7.56 24.80
CA PHE B 431 -25.42 -7.14 25.02
C PHE B 431 -26.02 -7.81 26.24
N LYS B 432 -25.72 -9.09 26.46
CA LYS B 432 -26.31 -9.77 27.61
C LYS B 432 -25.76 -9.26 28.93
N LYS B 433 -24.53 -8.77 28.94
CA LYS B 433 -24.00 -8.10 30.13
C LYS B 433 -24.70 -6.77 30.37
N ALA B 434 -24.99 -6.02 29.29
CA ALA B 434 -25.72 -4.78 29.44
C ALA B 434 -27.08 -5.03 30.06
N ASP B 435 -27.81 -6.01 29.52
CA ASP B 435 -29.08 -6.46 30.07
C ASP B 435 -29.34 -7.92 29.68
N PRO B 436 -29.59 -8.81 30.66
CA PRO B 436 -29.75 -10.24 30.34
C PRO B 436 -30.94 -10.55 29.44
N ARG B 437 -31.90 -9.64 29.32
CA ARG B 437 -33.06 -9.86 28.46
C ARG B 437 -32.73 -9.73 26.99
N PHE B 438 -31.57 -9.16 26.64
CA PHE B 438 -31.26 -8.90 25.23
C PHE B 438 -31.13 -10.20 24.45
N ALA B 439 -31.73 -10.24 23.27
CA ALA B 439 -31.60 -11.40 22.40
C ALA B 439 -31.38 -10.92 20.97
N LEU B 440 -30.48 -11.60 20.28
CA LEU B 440 -30.14 -11.30 18.89
C LEU B 440 -31.14 -11.99 17.97
N LYS B 441 -32.04 -11.20 17.38
CA LYS B 441 -33.14 -11.68 16.54
C LYS B 441 -32.72 -11.92 15.10
N GLY B 442 -31.80 -11.10 14.60
CA GLY B 442 -31.36 -11.19 13.23
C GLY B 442 -29.99 -10.55 13.14
N CYS B 443 -29.17 -11.06 12.21
CA CYS B 443 -27.79 -10.57 12.02
C CYS B 443 -27.51 -10.69 10.52
N ILE B 444 -27.86 -9.66 9.76
CA ILE B 444 -27.96 -9.74 8.30
C ILE B 444 -26.82 -8.98 7.64
N GLN B 445 -25.99 -9.70 6.89
CA GLN B 445 -24.86 -9.12 6.19
C GLN B 445 -25.06 -9.34 4.69
N THR B 446 -25.32 -8.28 3.93
CA THR B 446 -25.49 -8.46 2.49
C THR B 446 -24.14 -8.86 1.86
N VAL B 447 -24.22 -9.70 0.82
CA VAL B 447 -23.00 -10.24 0.22
C VAL B 447 -22.28 -9.13 -0.55
N GLY B 448 -21.01 -8.93 -0.24
CA GLY B 448 -20.25 -7.79 -0.71
C GLY B 448 -20.06 -6.70 0.34
N ASN B 449 -20.83 -6.74 1.43
CA ASN B 449 -20.74 -5.80 2.54
C ASN B 449 -19.86 -6.39 3.64
N CYS B 450 -19.18 -5.52 4.38
CA CYS B 450 -18.45 -5.97 5.56
C CYS B 450 -19.23 -5.80 6.87
N ALA B 451 -20.33 -5.04 6.86
CA ALA B 451 -21.10 -4.76 8.06
C ALA B 451 -22.42 -5.51 8.05
N ALA B 452 -22.87 -5.88 9.26
CA ALA B 452 -24.13 -6.56 9.47
C ALA B 452 -25.11 -5.64 10.19
N LEU B 453 -26.38 -5.84 9.89
CA LEU B 453 -27.38 -5.11 10.65
C LEU B 453 -28.03 -6.11 11.60
N MET B 454 -27.85 -5.80 12.88
CA MET B 454 -28.24 -6.67 13.96
C MET B 454 -29.51 -6.14 14.62
N GLU B 455 -30.48 -7.01 14.83
CA GLU B 455 -31.74 -6.66 15.45
C GLU B 455 -31.77 -7.26 16.85
N TRP B 456 -31.86 -6.42 17.87
CA TRP B 456 -31.86 -6.82 19.27
C TRP B 456 -33.22 -6.49 19.89
N ILE B 457 -33.74 -7.41 20.70
CA ILE B 457 -34.97 -7.17 21.44
C ILE B 457 -34.75 -7.61 22.88
N LEU B 458 -35.59 -7.10 23.77
CA LEU B 458 -35.56 -7.47 25.18
C LEU B 458 -36.68 -8.49 25.39
N GLU B 459 -36.31 -9.73 25.69
CA GLU B 459 -37.31 -10.78 25.87
C GLU B 459 -37.66 -10.96 27.33
#